data_3KD8
#
_entry.id   3KD8
#
_cell.length_a   87.911
_cell.length_b   137.081
_cell.length_c   67.088
_cell.angle_alpha   90.00
_cell.angle_beta   90.00
_cell.angle_gamma   90.00
#
_symmetry.space_group_name_H-M   'P 21 21 2'
#
loop_
_entity.id
_entity.type
_entity.pdbx_description
1 polymer '2,3-bisphosphoglycerate-independent phosphoglycerate mutase'
2 water water
#
_entity_poly.entity_id   1
_entity_poly.type   'polypeptide(L)'
_entity_poly.pdbx_seq_one_letter_code
;SNA(MSE)KSIILIVLDGLGDRPGSDLQNRTPLQAAFRPNLNWLASHGINGI(MSE)HPISPGIRCGSDTSH(MSE)SLL
GYDPKVYYPGRGPFEALGLG(MSE)DIRPGDLAFRANFATNRDGVIVDRRAGRENKGNEELADAISLD(MSE)GEYSFRV
KSGVEHRAALVVSGPDLSD(MSE)IGDSDPHREGLPPEKIRPTDPSGDRTAEV(MSE)NAYLEEARRILSDHRVNKERVK
NGRLPGNELLVRSAGKVPAIPSFTEKNR(MSE)KGACVVGSPWLKGLCRLLR(MSE)DVFDVPGATGTVGSNYRGKIEKA
VDLTSSHDFVLVNIKATDVAGHDGNYPLKRDVIEDIDRA(MSE)EPLKSIGDHAVICVTGDHSTPCSFKDHSGDPVPIVF
YTDGV(MSE)NDGVHLFDELSSASGSLRITSYNV(MSE)DIL(MSE)QLAG
;
_entity_poly.pdbx_strand_id   A,B
#
# COMPACT_ATOMS: atom_id res chain seq x y z
N MSE A 4 -18.09 20.07 -4.30
CA MSE A 4 -19.00 18.95 -3.95
C MSE A 4 -18.50 18.06 -2.79
O MSE A 4 -17.33 18.13 -2.40
CB MSE A 4 -19.24 18.08 -5.20
CG MSE A 4 -17.99 17.33 -5.66
SE MSE A 4 -18.30 16.33 -7.31
CE MSE A 4 -16.63 15.30 -7.29
N LYS A 5 -19.40 17.21 -2.29
CA LYS A 5 -19.10 16.32 -1.17
C LYS A 5 -18.31 15.11 -1.61
N SER A 6 -17.53 14.57 -0.69
CA SER A 6 -16.89 13.30 -0.91
C SER A 6 -17.95 12.18 -0.87
N ILE A 7 -17.67 11.09 -1.58
CA ILE A 7 -18.54 9.94 -1.62
C ILE A 7 -17.78 8.77 -1.02
N ILE A 8 -18.47 8.00 -0.16
CA ILE A 8 -17.97 6.75 0.41
C ILE A 8 -18.96 5.58 0.17
N LEU A 9 -18.55 4.66 -0.69
CA LEU A 9 -19.31 3.43 -0.91
C LEU A 9 -18.74 2.25 -0.10
N ILE A 10 -19.58 1.62 0.69
CA ILE A 10 -19.18 0.50 1.55
C ILE A 10 -19.94 -0.77 1.15
N VAL A 11 -19.18 -1.77 0.73
CA VAL A 11 -19.71 -3.02 0.24
C VAL A 11 -19.43 -4.09 1.27
N LEU A 12 -20.51 -4.58 1.88
CA LEU A 12 -20.49 -5.66 2.82
C LEU A 12 -20.56 -6.95 2.03
N ASP A 13 -19.42 -7.60 1.85
CA ASP A 13 -19.34 -8.81 1.05
C ASP A 13 -19.98 -9.98 1.82
N GLY A 14 -20.94 -10.65 1.18
CA GLY A 14 -21.60 -11.82 1.77
C GLY A 14 -23.01 -11.53 2.27
N LEU A 15 -23.12 -10.47 3.07
CA LEU A 15 -24.38 -9.88 3.63
C LEU A 15 -25.69 -10.70 3.78
N GLY A 16 -26.62 -10.51 2.82
CA GLY A 16 -28.01 -11.06 2.86
C GLY A 16 -28.02 -12.58 2.99
N ASP A 17 -28.93 -13.14 3.78
CA ASP A 17 -28.66 -14.51 4.22
C ASP A 17 -29.72 -15.61 4.25
N ARG A 18 -31.00 -15.26 4.28
CA ARG A 18 -32.02 -16.29 4.55
C ARG A 18 -32.33 -16.43 6.04
N PRO A 19 -33.60 -16.35 6.40
CA PRO A 19 -33.99 -16.52 7.81
C PRO A 19 -33.47 -17.84 8.41
N GLY A 20 -33.01 -17.76 9.64
CA GLY A 20 -32.36 -18.88 10.27
C GLY A 20 -33.07 -19.16 11.55
N SER A 21 -33.28 -20.44 11.80
CA SER A 21 -33.93 -20.89 13.01
C SER A 21 -33.16 -20.49 14.28
N ASP A 22 -31.82 -20.54 14.21
CA ASP A 22 -30.95 -20.26 15.35
C ASP A 22 -31.06 -18.83 15.84
N LEU A 23 -31.62 -17.94 15.00
CA LEU A 23 -31.82 -16.54 15.41
C LEU A 23 -33.30 -16.21 15.51
N GLN A 24 -34.10 -17.24 15.70
CA GLN A 24 -35.55 -17.10 15.97
C GLN A 24 -36.27 -16.62 14.72
N ASN A 25 -35.90 -17.23 13.58
CA ASN A 25 -36.47 -16.94 12.26
C ASN A 25 -36.10 -15.54 11.70
N ARG A 26 -34.81 -15.20 11.83
CA ARG A 26 -34.28 -13.91 11.42
C ARG A 26 -32.97 -14.14 10.70
N THR A 27 -32.64 -13.25 9.78
CA THR A 27 -31.34 -13.26 9.15
C THR A 27 -30.32 -12.69 10.15
N PRO A 28 -29.03 -13.02 9.97
CA PRO A 28 -28.04 -12.35 10.82
C PRO A 28 -28.31 -10.86 10.95
N LEU A 29 -28.68 -10.23 9.83
CA LEU A 29 -28.76 -8.78 9.75
C LEU A 29 -29.85 -8.27 10.64
N GLN A 30 -31.01 -8.93 10.57
CA GLN A 30 -32.12 -8.52 11.42
C GLN A 30 -31.77 -8.77 12.87
N ALA A 31 -30.91 -9.75 13.14
CA ALA A 31 -30.71 -10.17 14.50
C ALA A 31 -29.68 -9.29 15.14
N ALA A 32 -28.75 -8.83 14.33
CA ALA A 32 -27.66 -8.03 14.86
C ALA A 32 -28.15 -6.76 15.51
N PHE A 33 -27.57 -6.46 16.67
CA PHE A 33 -27.55 -5.11 17.21
C PHE A 33 -26.72 -4.27 16.24
N ARG A 34 -27.37 -3.36 15.52
CA ARG A 34 -26.72 -2.39 14.61
C ARG A 34 -27.26 -0.97 14.67
N PRO A 35 -27.19 -0.31 15.85
CA PRO A 35 -27.64 1.09 15.95
C PRO A 35 -27.01 2.00 14.89
N ASN A 36 -25.78 1.72 14.48
CA ASN A 36 -25.11 2.64 13.55
C ASN A 36 -25.68 2.58 12.13
N LEU A 37 -25.70 1.37 11.55
CA LEU A 37 -26.44 1.10 10.32
C LEU A 37 -27.88 1.52 10.45
N ASN A 38 -28.48 1.32 11.63
CA ASN A 38 -29.88 1.77 11.79
C ASN A 38 -30.02 3.28 11.78
N TRP A 39 -29.04 3.96 12.37
CA TRP A 39 -29.01 5.41 12.32
C TRP A 39 -28.99 5.91 10.87
N LEU A 40 -28.12 5.34 10.04
CA LEU A 40 -28.03 5.71 8.66
C LEU A 40 -29.33 5.44 7.92
N ALA A 41 -30.10 4.45 8.33
CA ALA A 41 -31.33 4.17 7.60
C ALA A 41 -32.36 5.20 7.97
N SER A 42 -32.37 5.53 9.25
CA SER A 42 -33.31 6.43 9.88
C SER A 42 -33.19 7.83 9.33
N HIS A 43 -31.98 8.19 8.95
CA HIS A 43 -31.67 9.52 8.51
C HIS A 43 -31.34 9.55 7.05
N GLY A 44 -31.81 8.55 6.29
CA GLY A 44 -31.34 8.33 4.92
C GLY A 44 -32.40 7.81 4.00
N ILE A 45 -32.03 7.59 2.74
CA ILE A 45 -32.99 6.96 1.84
C ILE A 45 -32.64 5.49 1.73
N ASN A 46 -33.64 4.65 1.51
CA ASN A 46 -33.46 3.23 1.66
C ASN A 46 -34.05 2.45 0.53
N GLY A 47 -33.54 1.25 0.30
CA GLY A 47 -34.19 0.36 -0.63
C GLY A 47 -33.51 -0.97 -0.83
N ILE A 48 -33.88 -1.60 -1.93
CA ILE A 48 -33.39 -2.90 -2.35
C ILE A 48 -32.64 -2.67 -3.63
N MSE A 49 -31.43 -3.17 -3.71
CA MSE A 49 -30.72 -3.16 -4.97
C MSE A 49 -30.67 -4.56 -5.59
O MSE A 49 -30.31 -5.53 -4.93
CB MSE A 49 -29.30 -2.61 -4.82
CG MSE A 49 -28.42 -2.96 -6.00
SE MSE A 49 -26.57 -2.62 -5.63
CE MSE A 49 -25.98 -4.30 -4.83
N HIS A 50 -31.03 -4.62 -6.87
CA HIS A 50 -30.95 -5.86 -7.63
C HIS A 50 -29.65 -5.81 -8.44
N PRO A 51 -28.67 -6.66 -8.10
CA PRO A 51 -27.47 -6.57 -8.94
C PRO A 51 -27.68 -7.22 -10.32
N ILE A 52 -27.14 -6.57 -11.37
CA ILE A 52 -26.73 -7.20 -12.63
C ILE A 52 -27.82 -7.98 -13.42
N SER A 53 -28.08 -7.53 -14.65
CA SER A 53 -28.99 -8.27 -15.54
C SER A 53 -28.31 -9.50 -16.24
N PRO A 54 -29.09 -10.33 -16.97
CA PRO A 54 -28.51 -11.43 -17.75
C PRO A 54 -27.33 -11.00 -18.64
N ASP A 61 -16.62 -10.80 -9.80
CA ASP A 61 -16.54 -10.62 -11.25
C ASP A 61 -17.39 -9.41 -11.72
N THR A 62 -18.63 -9.67 -12.17
CA THR A 62 -19.60 -8.61 -12.44
C THR A 62 -20.30 -8.24 -11.12
N SER A 63 -20.05 -6.99 -10.66
CA SER A 63 -20.70 -6.43 -9.47
C SER A 63 -20.05 -5.14 -8.98
N HIS A 64 -18.84 -5.26 -8.46
CA HIS A 64 -18.09 -4.09 -8.03
C HIS A 64 -17.82 -3.18 -9.20
N MSE A 65 -17.62 -3.75 -10.38
CA MSE A 65 -17.34 -2.96 -11.55
C MSE A 65 -18.58 -2.12 -11.81
O MSE A 65 -18.49 -0.91 -12.03
CB MSE A 65 -17.05 -3.85 -12.73
CG MSE A 65 -15.77 -3.48 -13.47
SE MSE A 65 -15.27 -4.87 -14.78
CE MSE A 65 -16.98 -5.79 -14.99
N SER A 66 -19.72 -2.78 -11.73
CA SER A 66 -21.02 -2.19 -11.96
C SER A 66 -21.30 -0.98 -11.03
N LEU A 67 -21.16 -1.19 -9.74
CA LEU A 67 -21.15 -0.11 -8.77
C LEU A 67 -20.22 1.05 -9.16
N LEU A 68 -19.06 0.74 -9.73
CA LEU A 68 -18.09 1.79 -10.08
C LEU A 68 -18.44 2.55 -11.36
N GLY A 69 -19.55 2.15 -11.97
CA GLY A 69 -20.02 2.82 -13.17
C GLY A 69 -19.71 2.13 -14.48
N TYR A 70 -19.06 0.96 -14.46
CA TYR A 70 -18.72 0.28 -15.71
C TYR A 70 -19.66 -0.83 -16.02
N ASP A 71 -20.33 -0.75 -17.16
CA ASP A 71 -21.24 -1.80 -17.60
C ASP A 71 -20.42 -3.03 -18.03
N PRO A 72 -20.58 -4.16 -17.31
CA PRO A 72 -19.82 -5.41 -17.50
C PRO A 72 -20.04 -6.04 -18.87
N LYS A 73 -21.29 -6.05 -19.32
CA LYS A 73 -21.57 -6.46 -20.68
C LYS A 73 -20.61 -5.76 -21.65
N VAL A 74 -20.07 -4.62 -21.24
CA VAL A 74 -19.21 -3.80 -22.10
C VAL A 74 -17.76 -3.85 -21.67
N TYR A 75 -17.50 -3.87 -20.36
CA TYR A 75 -16.12 -3.65 -19.88
C TYR A 75 -15.45 -4.83 -19.25
N TYR A 76 -16.17 -5.95 -19.08
CA TYR A 76 -15.58 -7.16 -18.52
C TYR A 76 -14.39 -7.70 -19.38
N PRO A 77 -13.21 -7.81 -18.74
CA PRO A 77 -11.94 -8.20 -19.36
C PRO A 77 -11.81 -9.66 -19.81
N GLY A 78 -12.58 -10.57 -19.21
CA GLY A 78 -12.56 -12.00 -19.55
C GLY A 78 -12.00 -12.84 -18.42
N ARG A 79 -12.24 -14.16 -18.45
CA ARG A 79 -11.73 -15.11 -17.43
C ARG A 79 -10.21 -15.05 -17.34
N GLY A 80 -9.55 -15.10 -18.49
CA GLY A 80 -8.10 -14.97 -18.54
C GLY A 80 -7.60 -13.81 -17.70
N PRO A 81 -7.90 -12.56 -18.13
CA PRO A 81 -7.42 -11.41 -17.38
C PRO A 81 -7.80 -11.43 -15.91
N PHE A 82 -8.95 -12.01 -15.59
CA PHE A 82 -9.34 -12.19 -14.17
C PHE A 82 -8.46 -13.09 -13.34
N GLU A 83 -7.93 -14.16 -13.95
CA GLU A 83 -7.02 -14.99 -13.23
C GLU A 83 -5.78 -14.18 -12.90
N ALA A 84 -5.29 -13.42 -13.87
CA ALA A 84 -4.13 -12.57 -13.68
C ALA A 84 -4.33 -11.65 -12.48
N LEU A 85 -5.45 -10.92 -12.49
CA LEU A 85 -5.79 -10.03 -11.39
C LEU A 85 -5.83 -10.76 -10.06
N GLY A 86 -6.49 -11.93 -10.04
CA GLY A 86 -6.63 -12.73 -8.83
C GLY A 86 -5.31 -13.16 -8.23
N LEU A 87 -4.24 -12.93 -8.98
CA LEU A 87 -2.91 -13.37 -8.60
C LEU A 87 -2.05 -12.16 -8.36
N GLY A 88 -2.74 -11.05 -8.11
CA GLY A 88 -2.11 -9.77 -7.87
C GLY A 88 -1.22 -9.33 -9.02
N MSE A 89 -1.56 -9.76 -10.24
CA MSE A 89 -0.85 -9.30 -11.45
C MSE A 89 -1.39 -7.96 -11.97
O MSE A 89 -2.49 -7.53 -11.59
CB MSE A 89 -0.90 -10.35 -12.56
CG MSE A 89 -0.11 -11.63 -12.26
SE MSE A 89 -0.28 -12.93 -13.74
CE MSE A 89 1.19 -12.24 -14.84
N ASP A 90 -0.60 -7.32 -12.84
CA ASP A 90 -1.06 -6.16 -13.58
C ASP A 90 -1.58 -6.55 -14.95
N ILE A 91 -2.72 -5.97 -15.32
CA ILE A 91 -3.14 -5.92 -16.71
C ILE A 91 -3.42 -4.49 -17.20
N ARG A 92 -3.21 -4.25 -18.49
CA ARG A 92 -3.57 -3.00 -19.18
C ARG A 92 -4.48 -3.31 -20.38
N PRO A 93 -5.28 -2.34 -20.85
CA PRO A 93 -6.03 -2.59 -22.09
C PRO A 93 -5.14 -2.89 -23.30
N GLY A 94 -5.54 -3.87 -24.10
CA GLY A 94 -4.69 -4.37 -25.20
C GLY A 94 -3.81 -5.55 -24.81
N ASP A 95 -3.80 -5.89 -23.53
CA ASP A 95 -3.05 -7.05 -23.07
C ASP A 95 -3.81 -8.35 -23.43
N LEU A 96 -3.05 -9.41 -23.64
CA LEU A 96 -3.65 -10.72 -23.80
C LEU A 96 -3.30 -11.55 -22.57
N ALA A 97 -4.31 -12.16 -21.96
CA ALA A 97 -4.12 -12.94 -20.73
C ALA A 97 -4.77 -14.30 -20.83
N PHE A 98 -4.06 -15.30 -20.29
CA PHE A 98 -4.57 -16.67 -20.26
C PHE A 98 -4.59 -17.29 -18.85
N ARG A 99 -5.51 -18.22 -18.64
CA ARG A 99 -5.38 -19.16 -17.55
C ARG A 99 -4.30 -20.16 -17.97
N ALA A 100 -3.52 -20.63 -16.99
CA ALA A 100 -2.42 -21.52 -17.23
C ALA A 100 -2.27 -22.62 -16.15
N ASN A 101 -1.68 -23.75 -16.57
CA ASN A 101 -1.27 -24.85 -15.69
C ASN A 101 0.19 -25.20 -15.90
N PHE A 102 0.93 -25.35 -14.81
CA PHE A 102 2.17 -26.06 -14.88
C PHE A 102 1.83 -27.55 -15.02
N ALA A 103 2.36 -28.21 -16.05
CA ALA A 103 2.01 -29.58 -16.38
C ALA A 103 3.23 -30.42 -16.77
N THR A 104 3.05 -31.74 -16.83
CA THR A 104 4.13 -32.63 -17.19
C THR A 104 4.04 -33.17 -18.62
N ASN A 105 5.06 -32.88 -19.42
CA ASN A 105 5.23 -33.34 -20.80
C ASN A 105 6.36 -34.37 -20.84
N ARG A 106 6.06 -35.64 -21.17
CA ARG A 106 7.05 -36.72 -20.97
C ARG A 106 7.85 -37.07 -22.21
N ASP A 107 7.16 -37.31 -23.32
CA ASP A 107 7.85 -37.50 -24.62
C ASP A 107 6.94 -36.90 -25.69
N GLY A 108 6.54 -35.66 -25.46
CA GLY A 108 5.57 -35.00 -26.30
C GLY A 108 4.12 -35.38 -26.03
N VAL A 109 3.86 -36.00 -24.88
CA VAL A 109 2.49 -36.22 -24.43
C VAL A 109 2.31 -35.57 -23.06
N ILE A 110 1.18 -34.93 -22.85
CA ILE A 110 0.88 -34.43 -21.53
C ILE A 110 0.45 -35.63 -20.72
N VAL A 111 1.27 -35.99 -19.73
CA VAL A 111 0.95 -37.11 -18.86
C VAL A 111 0.29 -36.61 -17.61
N ASP A 112 0.35 -35.30 -17.37
CA ASP A 112 -0.34 -34.74 -16.21
C ASP A 112 -0.58 -33.24 -16.36
N ARG A 113 -1.84 -32.86 -16.51
CA ARG A 113 -2.15 -31.47 -16.81
C ARG A 113 -1.85 -30.55 -15.62
N ARG A 114 -1.56 -31.15 -14.45
CA ARG A 114 -1.32 -30.38 -13.24
C ARG A 114 0.09 -30.51 -12.63
N ALA A 115 0.98 -31.23 -13.31
CA ALA A 115 2.26 -31.66 -12.72
C ALA A 115 2.04 -32.20 -11.31
N GLY A 116 1.05 -33.07 -11.20
CA GLY A 116 0.69 -33.71 -9.93
C GLY A 116 0.26 -32.79 -8.81
N ARG A 117 -0.11 -31.55 -9.14
CA ARG A 117 -0.45 -30.51 -8.13
C ARG A 117 0.72 -30.01 -7.29
N GLU A 118 1.95 -30.32 -7.70
CA GLU A 118 3.14 -29.83 -7.00
C GLU A 118 3.20 -28.30 -6.98
N ASN A 119 3.62 -27.72 -5.85
CA ASN A 119 3.70 -26.25 -5.77
C ASN A 119 5.08 -25.70 -5.54
N LYS A 120 5.91 -26.47 -4.85
CA LYS A 120 7.25 -26.07 -4.44
C LYS A 120 8.15 -25.71 -5.63
N GLY A 121 8.70 -24.49 -5.60
CA GLY A 121 9.52 -23.95 -6.68
C GLY A 121 8.76 -23.36 -7.87
N ASN A 122 7.42 -23.32 -7.82
CA ASN A 122 6.64 -22.83 -8.95
C ASN A 122 6.81 -21.38 -9.24
N GLU A 123 7.05 -20.57 -8.22
CA GLU A 123 7.36 -19.14 -8.43
C GLU A 123 8.65 -18.91 -9.19
N GLU A 124 9.67 -19.69 -8.85
CA GLU A 124 10.91 -19.64 -9.57
C GLU A 124 10.68 -20.09 -11.01
N LEU A 125 9.81 -21.07 -11.20
CA LEU A 125 9.45 -21.52 -12.55
C LEU A 125 8.81 -20.40 -13.33
N ALA A 126 7.76 -19.84 -12.72
CA ALA A 126 7.05 -18.69 -13.24
C ALA A 126 8.00 -17.56 -13.57
N ASP A 127 8.99 -17.35 -12.70
CA ASP A 127 9.94 -16.25 -12.91
C ASP A 127 10.77 -16.54 -14.13
N ALA A 128 11.25 -17.78 -14.25
CA ALA A 128 12.15 -18.16 -15.33
C ALA A 128 11.56 -17.95 -16.73
N ILE A 129 10.23 -17.97 -16.81
CA ILE A 129 9.54 -17.90 -18.12
C ILE A 129 8.80 -16.57 -18.32
N SER A 130 9.14 -15.62 -17.46
CA SER A 130 8.77 -14.25 -17.66
C SER A 130 9.96 -13.56 -18.38
N LEU A 131 9.78 -13.27 -19.66
CA LEU A 131 10.85 -12.78 -20.53
C LEU A 131 10.25 -11.94 -21.68
N ASP A 132 11.11 -11.44 -22.58
CA ASP A 132 10.68 -10.72 -23.78
C ASP A 132 11.15 -11.38 -25.04
N MSE A 133 10.41 -11.18 -26.12
CA MSE A 133 10.74 -11.74 -27.42
C MSE A 133 10.28 -10.72 -28.47
O MSE A 133 9.09 -10.63 -28.80
CB MSE A 133 10.03 -13.10 -27.63
CG MSE A 133 10.53 -14.23 -26.73
SE MSE A 133 9.66 -15.97 -27.01
CE MSE A 133 10.35 -16.42 -28.79
N GLY A 134 11.23 -9.95 -28.99
CA GLY A 134 10.93 -8.80 -29.85
C GLY A 134 10.07 -7.77 -29.13
N GLU A 135 8.96 -7.41 -29.78
CA GLU A 135 8.01 -6.41 -29.30
C GLU A 135 7.02 -6.97 -28.27
N TYR A 136 7.19 -8.22 -27.92
CA TYR A 136 6.28 -8.87 -27.00
C TYR A 136 6.96 -9.13 -25.69
N SER A 137 6.22 -8.97 -24.61
CA SER A 137 6.71 -9.37 -23.31
C SER A 137 5.75 -10.40 -22.71
N PHE A 138 6.28 -11.36 -21.96
CA PHE A 138 5.47 -12.39 -21.33
C PHE A 138 5.68 -12.43 -19.82
N ARG A 139 4.58 -12.31 -19.09
CA ARG A 139 4.58 -12.39 -17.63
C ARG A 139 3.71 -13.51 -17.06
N VAL A 140 4.34 -14.36 -16.25
CA VAL A 140 3.68 -15.43 -15.57
C VAL A 140 3.88 -15.26 -14.06
N LYS A 141 2.82 -15.45 -13.28
CA LYS A 141 2.93 -15.62 -11.85
C LYS A 141 2.22 -16.96 -11.45
N SER A 142 2.67 -17.56 -10.35
CA SER A 142 2.19 -18.86 -9.92
C SER A 142 1.15 -18.68 -8.87
N GLY A 143 0.16 -19.58 -8.87
CA GLY A 143 -0.93 -19.57 -7.87
C GLY A 143 -0.89 -20.75 -6.92
N VAL A 144 -2.06 -21.14 -6.41
CA VAL A 144 -2.17 -22.34 -5.60
C VAL A 144 -2.01 -23.60 -6.48
N GLU A 145 -1.16 -24.52 -6.02
CA GLU A 145 -0.87 -25.76 -6.74
C GLU A 145 -0.33 -25.52 -8.15
N HIS A 146 -1.02 -26.07 -9.15
CA HIS A 146 -0.55 -26.02 -10.52
C HIS A 146 -0.95 -24.71 -11.23
N ARG A 147 -1.73 -23.88 -10.54
CA ARG A 147 -2.37 -22.74 -11.21
C ARG A 147 -1.42 -21.58 -11.54
N ALA A 148 -1.55 -21.03 -12.74
CA ALA A 148 -0.88 -19.81 -13.07
C ALA A 148 -1.74 -18.94 -14.01
N ALA A 149 -1.21 -17.77 -14.33
CA ALA A 149 -1.76 -16.88 -15.34
C ALA A 149 -0.63 -16.28 -16.10
N LEU A 150 -0.88 -16.08 -17.38
CA LEU A 150 0.09 -15.51 -18.30
C LEU A 150 -0.59 -14.31 -18.90
N VAL A 151 0.12 -13.19 -18.84
CA VAL A 151 -0.27 -11.92 -19.44
C VAL A 151 0.75 -11.57 -20.49
N VAL A 152 0.27 -11.31 -21.70
CA VAL A 152 1.11 -10.91 -22.81
C VAL A 152 0.79 -9.49 -23.27
N SER A 153 1.86 -8.74 -23.52
CA SER A 153 1.76 -7.35 -23.90
C SER A 153 2.49 -7.14 -25.17
N GLY A 154 1.94 -6.29 -26.02
CA GLY A 154 2.59 -5.93 -27.26
C GLY A 154 1.52 -5.59 -28.25
N PRO A 155 1.92 -5.38 -29.51
CA PRO A 155 1.08 -4.77 -30.54
C PRO A 155 0.14 -5.75 -31.21
N ASP A 156 -1.12 -5.33 -31.41
CA ASP A 156 -2.10 -6.08 -32.24
C ASP A 156 -2.42 -7.50 -31.75
N LEU A 157 -2.45 -7.71 -30.43
CA LEU A 157 -2.85 -8.99 -29.88
C LEU A 157 -4.33 -9.29 -30.12
N SER A 158 -4.62 -10.55 -30.44
CA SER A 158 -5.98 -11.03 -30.66
C SER A 158 -6.31 -12.21 -29.73
N ASP A 159 -7.57 -12.28 -29.31
CA ASP A 159 -7.99 -13.45 -28.56
C ASP A 159 -8.80 -14.39 -29.43
N MSE A 160 -8.67 -14.21 -30.74
CA MSE A 160 -9.22 -15.14 -31.70
C MSE A 160 -8.20 -16.26 -31.95
O MSE A 160 -7.68 -16.41 -33.04
CB MSE A 160 -9.60 -14.44 -33.00
CG MSE A 160 -10.61 -13.35 -32.84
SE MSE A 160 -12.30 -14.03 -32.16
CE MSE A 160 -12.65 -15.48 -33.42
N ILE A 161 -7.94 -17.02 -30.90
CA ILE A 161 -6.99 -18.13 -30.92
C ILE A 161 -7.49 -19.29 -30.04
N GLY A 162 -6.98 -20.48 -30.28
CA GLY A 162 -7.33 -21.66 -29.49
C GLY A 162 -6.44 -21.81 -28.26
N ASP A 163 -6.72 -22.85 -27.47
CA ASP A 163 -5.92 -23.20 -26.30
C ASP A 163 -4.66 -24.02 -26.69
N SER A 164 -3.64 -24.04 -25.83
CA SER A 164 -2.56 -25.03 -25.99
C SER A 164 -2.95 -26.28 -25.20
N ASP A 165 -3.71 -26.07 -24.14
CA ASP A 165 -4.22 -27.17 -23.33
C ASP A 165 -5.01 -28.17 -24.20
N PRO A 166 -4.65 -29.46 -24.13
CA PRO A 166 -5.47 -30.39 -24.91
C PRO A 166 -6.67 -30.89 -24.09
N HIS A 167 -6.73 -30.53 -22.82
CA HIS A 167 -7.87 -30.74 -21.90
C HIS A 167 -8.03 -32.13 -21.31
N ARG A 168 -7.12 -32.99 -21.71
CA ARG A 168 -7.02 -34.28 -21.10
C ARG A 168 -5.59 -34.78 -21.27
N GLU A 169 -5.23 -35.70 -20.39
CA GLU A 169 -3.96 -36.37 -20.39
C GLU A 169 -3.94 -37.28 -21.62
N GLY A 170 -2.77 -37.51 -22.22
CA GLY A 170 -2.63 -38.51 -23.26
C GLY A 170 -2.49 -37.89 -24.65
N LEU A 171 -2.78 -36.60 -24.71
CA LEU A 171 -2.62 -35.84 -25.94
C LEU A 171 -1.38 -34.93 -25.86
N PRO A 172 -0.73 -34.62 -26.99
CA PRO A 172 0.33 -33.57 -26.97
C PRO A 172 -0.25 -32.20 -26.64
N PRO A 173 0.60 -31.22 -26.26
CA PRO A 173 0.11 -29.86 -26.19
C PRO A 173 -0.28 -29.46 -27.62
N GLU A 174 -1.40 -28.74 -27.76
CA GLU A 174 -1.86 -28.31 -29.09
C GLU A 174 -1.00 -27.13 -29.56
N LYS A 175 -0.85 -26.99 -30.87
CA LYS A 175 -0.31 -25.75 -31.38
C LYS A 175 -1.45 -24.74 -31.40
N ILE A 176 -1.22 -23.54 -30.89
CA ILE A 176 -2.20 -22.44 -31.00
C ILE A 176 -2.57 -22.17 -32.46
N ARG A 177 -3.86 -22.34 -32.81
CA ARG A 177 -4.44 -22.00 -34.12
C ARG A 177 -5.32 -20.73 -34.09
N PRO A 178 -5.23 -19.87 -35.12
CA PRO A 178 -6.15 -18.72 -35.13
C PRO A 178 -7.56 -19.24 -35.31
N THR A 179 -8.57 -18.67 -34.62
CA THR A 179 -9.94 -19.10 -34.87
C THR A 179 -10.62 -18.25 -35.92
N ASP A 180 -10.02 -17.10 -36.22
CA ASP A 180 -10.44 -16.25 -37.33
C ASP A 180 -9.22 -15.47 -37.81
N PRO A 181 -9.29 -14.83 -38.98
CA PRO A 181 -8.07 -14.19 -39.51
C PRO A 181 -7.34 -13.18 -38.64
N SER A 182 -7.93 -12.65 -37.58
CA SER A 182 -7.22 -11.63 -36.78
C SER A 182 -6.24 -12.25 -35.81
N GLY A 183 -6.29 -13.58 -35.71
CA GLY A 183 -5.50 -14.33 -34.74
C GLY A 183 -4.16 -14.83 -35.24
N ASP A 184 -3.96 -14.84 -36.57
CA ASP A 184 -2.75 -15.41 -37.21
C ASP A 184 -1.41 -15.02 -36.60
N ARG A 185 -1.15 -13.74 -36.47
CA ARG A 185 0.14 -13.29 -35.99
C ARG A 185 0.31 -13.67 -34.52
N THR A 186 -0.73 -13.42 -33.72
CA THR A 186 -0.76 -13.82 -32.32
C THR A 186 -0.43 -15.32 -32.14
N ALA A 187 -0.98 -16.18 -33.00
CA ALA A 187 -0.74 -17.61 -32.87
C ALA A 187 0.73 -17.93 -33.09
N GLU A 188 1.36 -17.25 -34.04
CA GLU A 188 2.77 -17.47 -34.26
C GLU A 188 3.58 -17.04 -33.06
N VAL A 189 3.30 -15.85 -32.57
CA VAL A 189 4.04 -15.33 -31.42
C VAL A 189 3.89 -16.22 -30.20
N MSE A 190 2.70 -16.83 -30.04
CA MSE A 190 2.38 -17.70 -28.90
C MSE A 190 3.09 -19.07 -28.95
O MSE A 190 3.70 -19.51 -27.95
CB MSE A 190 0.86 -17.87 -28.77
CG MSE A 190 0.13 -16.67 -28.17
SE MSE A 190 0.82 -16.18 -26.41
CE MSE A 190 0.18 -14.37 -26.40
N ASN A 191 3.03 -19.73 -30.10
CA ASN A 191 3.78 -20.95 -30.30
C ASN A 191 5.27 -20.71 -30.15
N ALA A 192 5.76 -19.57 -30.59
CA ALA A 192 7.19 -19.33 -30.43
C ALA A 192 7.49 -19.23 -28.94
N TYR A 193 6.61 -18.59 -28.18
CA TYR A 193 6.80 -18.41 -26.75
C TYR A 193 6.64 -19.69 -25.91
N LEU A 194 5.63 -20.50 -26.20
CA LEU A 194 5.49 -21.78 -25.52
C LEU A 194 6.62 -22.75 -25.84
N GLU A 195 7.18 -22.72 -27.05
CA GLU A 195 8.44 -23.47 -27.32
C GLU A 195 9.55 -23.07 -26.34
N GLU A 196 9.84 -21.77 -26.24
CA GLU A 196 10.86 -21.26 -25.31
C GLU A 196 10.58 -21.65 -23.86
N ALA A 197 9.31 -21.66 -23.48
CA ALA A 197 8.92 -21.99 -22.13
C ALA A 197 9.20 -23.44 -21.82
N ARG A 198 8.92 -24.35 -22.77
CA ARG A 198 9.26 -25.77 -22.58
C ARG A 198 10.72 -25.94 -22.21
N ARG A 199 11.56 -25.27 -22.97
CA ARG A 199 12.97 -25.53 -22.93
C ARG A 199 13.55 -25.02 -21.65
N ILE A 200 13.13 -23.83 -21.27
CA ILE A 200 13.54 -23.24 -20.01
C ILE A 200 13.06 -24.10 -18.86
N LEU A 201 11.82 -24.61 -18.96
CA LEU A 201 11.23 -25.34 -17.85
C LEU A 201 11.88 -26.72 -17.71
N SER A 202 12.10 -27.39 -18.83
CA SER A 202 12.68 -28.74 -18.80
C SER A 202 14.10 -28.70 -18.30
N ASP A 203 14.79 -27.59 -18.55
CA ASP A 203 16.17 -27.47 -18.13
C ASP A 203 16.36 -26.78 -16.78
N HIS A 204 15.27 -26.43 -16.12
CA HIS A 204 15.39 -25.65 -14.91
C HIS A 204 15.83 -26.50 -13.72
N ARG A 205 16.66 -25.92 -12.85
CA ARG A 205 17.08 -26.57 -11.60
C ARG A 205 15.94 -27.17 -10.78
N VAL A 206 14.81 -26.46 -10.71
CA VAL A 206 13.62 -26.92 -9.97
C VAL A 206 13.04 -28.26 -10.48
N ASN A 207 13.04 -28.43 -11.80
CA ASN A 207 12.49 -29.62 -12.39
C ASN A 207 13.41 -30.79 -12.38
N LYS A 208 14.72 -30.53 -12.42
CA LYS A 208 15.73 -31.60 -12.35
C LYS A 208 15.77 -32.27 -10.98
N GLU A 209 15.67 -31.48 -9.90
CA GLU A 209 15.46 -31.99 -8.54
C GLU A 209 14.13 -32.73 -8.36
N ARG A 210 13.05 -32.33 -9.04
CA ARG A 210 11.78 -33.05 -8.90
C ARG A 210 11.86 -34.41 -9.57
N VAL A 211 12.49 -34.47 -10.75
CA VAL A 211 12.68 -35.73 -11.47
C VAL A 211 13.58 -36.65 -10.64
N LYS A 212 14.66 -36.08 -10.08
CA LYS A 212 15.60 -36.84 -9.27
C LYS A 212 14.92 -37.32 -7.99
N ASN A 213 14.00 -36.53 -7.46
CA ASN A 213 13.26 -36.98 -6.30
C ASN A 213 11.92 -37.72 -6.59
N GLY A 214 11.70 -38.08 -7.86
CA GLY A 214 10.45 -38.74 -8.26
C GLY A 214 9.16 -37.93 -8.17
N ARG A 215 9.29 -36.62 -7.98
CA ARG A 215 8.17 -35.71 -8.10
C ARG A 215 7.91 -35.47 -9.59
N LEU A 216 6.66 -35.17 -9.94
CA LEU A 216 6.31 -34.79 -11.31
C LEU A 216 6.85 -33.42 -11.69
N PRO A 217 7.61 -33.32 -12.79
CA PRO A 217 8.13 -31.98 -13.16
C PRO A 217 7.11 -31.10 -13.87
N GLY A 218 7.15 -29.81 -13.56
CA GLY A 218 6.34 -28.85 -14.30
C GLY A 218 7.10 -28.36 -15.51
N ASN A 219 7.23 -29.20 -16.54
CA ASN A 219 8.18 -28.88 -17.62
C ASN A 219 7.54 -28.20 -18.82
N GLU A 220 6.27 -27.83 -18.65
CA GLU A 220 5.41 -27.33 -19.71
C GLU A 220 4.35 -26.45 -19.07
N LEU A 221 4.00 -25.36 -19.76
CA LEU A 221 2.90 -24.47 -19.38
C LEU A 221 1.70 -24.59 -20.32
N LEU A 222 0.65 -25.27 -19.89
CA LEU A 222 -0.61 -25.32 -20.64
C LEU A 222 -1.43 -24.02 -20.52
N VAL A 223 -1.75 -23.47 -21.69
CA VAL A 223 -2.44 -22.21 -21.75
C VAL A 223 -3.86 -22.37 -22.35
N ARG A 224 -4.79 -21.57 -21.83
CA ARG A 224 -6.26 -21.81 -21.93
C ARG A 224 -6.96 -20.42 -21.81
N SER A 225 -8.05 -20.20 -22.54
CA SER A 225 -8.98 -19.08 -22.28
C SER A 225 -8.38 -17.71 -22.55
N ALA A 226 -7.76 -17.54 -23.71
CA ALA A 226 -7.19 -16.28 -24.10
C ALA A 226 -8.25 -15.17 -24.03
N GLY A 227 -7.97 -14.10 -23.29
CA GLY A 227 -8.82 -12.93 -23.35
C GLY A 227 -8.05 -11.63 -23.52
N LYS A 228 -8.47 -10.82 -24.49
CA LYS A 228 -7.85 -9.53 -24.70
C LYS A 228 -8.53 -8.52 -23.80
N VAL A 229 -7.75 -7.79 -23.02
CA VAL A 229 -8.33 -6.71 -22.21
C VAL A 229 -8.83 -5.55 -23.10
N PRO A 230 -10.15 -5.31 -23.08
CA PRO A 230 -10.67 -4.27 -23.96
C PRO A 230 -10.31 -2.89 -23.40
N ALA A 231 -10.69 -1.82 -24.09
CA ALA A 231 -10.36 -0.47 -23.66
C ALA A 231 -11.15 -0.15 -22.41
N ILE A 232 -10.48 0.17 -21.32
CA ILE A 232 -11.18 0.53 -20.10
C ILE A 232 -10.75 1.93 -19.65
N PRO A 233 -11.67 2.89 -19.72
CA PRO A 233 -11.41 4.22 -19.16
C PRO A 233 -11.02 4.15 -17.68
N SER A 234 -10.02 4.94 -17.31
CA SER A 234 -9.67 5.08 -15.94
C SER A 234 -10.90 5.56 -15.19
N PHE A 235 -10.79 5.61 -13.86
CA PHE A 235 -11.89 6.03 -13.02
C PHE A 235 -12.21 7.52 -13.20
N THR A 236 -11.15 8.33 -13.22
CA THR A 236 -11.22 9.75 -13.57
C THR A 236 -11.86 10.01 -14.94
N GLU A 237 -11.30 9.49 -16.03
CA GLU A 237 -11.90 9.65 -17.35
C GLU A 237 -13.38 9.35 -17.23
N LYS A 238 -13.73 8.20 -16.67
CA LYS A 238 -15.09 7.66 -16.74
C LYS A 238 -16.06 8.41 -15.88
N ASN A 239 -15.58 8.92 -14.75
CA ASN A 239 -16.51 9.41 -13.73
C ASN A 239 -16.19 10.81 -13.28
N ARG A 240 -15.19 11.41 -13.91
CA ARG A 240 -14.74 12.77 -13.58
C ARG A 240 -14.40 12.92 -12.11
N MSE A 241 -13.92 11.84 -11.49
CA MSE A 241 -13.55 11.87 -10.07
C MSE A 241 -12.21 11.25 -9.72
O MSE A 241 -11.71 10.35 -10.39
CB MSE A 241 -14.64 11.23 -9.24
CG MSE A 241 -15.90 12.06 -9.09
SE MSE A 241 -17.08 11.15 -7.85
CE MSE A 241 -18.20 10.23 -9.15
N LYS A 242 -11.63 11.74 -8.63
CA LYS A 242 -10.42 11.20 -8.08
C LYS A 242 -10.82 10.19 -7.01
N GLY A 243 -10.54 8.93 -7.30
CA GLY A 243 -11.05 7.81 -6.53
C GLY A 243 -10.00 6.90 -5.92
N ALA A 244 -10.43 6.17 -4.89
CA ALA A 244 -9.61 5.30 -4.10
C ALA A 244 -10.39 4.03 -3.72
N CYS A 245 -9.65 3.02 -3.25
CA CYS A 245 -10.16 1.72 -2.82
C CYS A 245 -9.49 1.29 -1.53
N VAL A 246 -10.30 1.04 -0.52
CA VAL A 246 -9.76 0.49 0.70
C VAL A 246 -10.15 -0.96 0.66
N VAL A 247 -9.25 -1.78 0.12
CA VAL A 247 -9.57 -3.17 -0.18
C VAL A 247 -8.42 -4.14 0.16
N GLY A 248 -8.74 -5.42 0.37
CA GLY A 248 -7.71 -6.43 0.63
C GLY A 248 -7.59 -7.49 -0.46
N SER A 249 -8.71 -7.80 -1.15
CA SER A 249 -8.72 -8.88 -2.13
C SER A 249 -7.78 -8.57 -3.28
N PRO A 250 -6.90 -9.53 -3.57
CA PRO A 250 -5.90 -9.22 -4.60
C PRO A 250 -6.59 -8.93 -5.93
N TRP A 251 -7.66 -9.63 -6.26
CA TRP A 251 -8.37 -9.30 -7.50
C TRP A 251 -8.96 -7.88 -7.47
N LEU A 252 -9.54 -7.48 -6.34
CA LEU A 252 -10.03 -6.11 -6.14
C LEU A 252 -8.94 -5.04 -6.14
N LYS A 253 -7.82 -5.29 -5.45
CA LYS A 253 -6.64 -4.44 -5.62
C LYS A 253 -6.28 -4.29 -7.09
N GLY A 254 -6.27 -5.40 -7.80
CA GLY A 254 -5.97 -5.36 -9.21
C GLY A 254 -6.94 -4.54 -10.03
N LEU A 255 -8.23 -4.77 -9.82
CA LEU A 255 -9.29 -4.02 -10.51
C LEU A 255 -9.10 -2.53 -10.32
N CYS A 256 -8.88 -2.13 -9.07
CA CYS A 256 -8.63 -0.75 -8.73
C CYS A 256 -7.36 -0.23 -9.41
N ARG A 257 -6.30 -1.04 -9.47
CA ARG A 257 -5.13 -0.63 -10.23
C ARG A 257 -5.47 -0.55 -11.71
N LEU A 258 -6.27 -1.47 -12.23
CA LEU A 258 -6.64 -1.43 -13.64
C LEU A 258 -7.28 -0.08 -13.95
N LEU A 259 -8.02 0.45 -12.98
CA LEU A 259 -8.78 1.70 -13.17
C LEU A 259 -8.03 2.95 -12.72
N ARG A 260 -6.81 2.76 -12.23
CA ARG A 260 -5.93 3.85 -11.76
C ARG A 260 -6.55 4.57 -10.57
N MSE A 261 -7.19 3.81 -9.70
CA MSE A 261 -7.57 4.31 -8.39
C MSE A 261 -6.44 3.92 -7.46
O MSE A 261 -5.94 2.81 -7.58
CB MSE A 261 -8.88 3.67 -7.93
CG MSE A 261 -9.97 3.83 -8.94
SE MSE A 261 -11.54 2.73 -8.73
CE MSE A 261 -12.26 3.55 -7.12
N ASP A 262 -6.04 4.82 -6.57
CA ASP A 262 -5.10 4.47 -5.51
C ASP A 262 -5.70 3.42 -4.56
N VAL A 263 -4.84 2.52 -4.12
CA VAL A 263 -5.25 1.34 -3.39
C VAL A 263 -4.62 1.35 -2.00
N PHE A 264 -5.41 1.06 -0.96
CA PHE A 264 -4.90 1.01 0.42
C PHE A 264 -5.23 -0.32 1.10
N ASP A 265 -4.18 -1.02 1.54
CA ASP A 265 -4.36 -2.31 2.15
C ASP A 265 -4.09 -2.17 3.63
N VAL A 266 -5.18 -2.05 4.39
CA VAL A 266 -5.07 -1.87 5.82
C VAL A 266 -4.78 -3.23 6.47
N PRO A 267 -3.67 -3.34 7.22
CA PRO A 267 -3.35 -4.58 7.93
C PRO A 267 -4.48 -4.91 8.90
N GLY A 268 -4.80 -6.20 9.04
CA GLY A 268 -5.88 -6.63 9.92
C GLY A 268 -6.56 -7.91 9.43
N SER A 275 -10.58 -9.10 11.47
CA SER A 275 -11.33 -7.89 11.85
C SER A 275 -10.71 -6.62 11.26
N ASN A 276 -10.25 -5.73 12.14
CA ASN A 276 -9.89 -4.36 11.74
C ASN A 276 -10.83 -3.71 10.69
N TYR A 277 -12.12 -3.85 10.97
CA TYR A 277 -13.17 -3.11 10.30
C TYR A 277 -12.95 -1.62 10.57
N ARG A 278 -12.57 -1.32 11.81
CA ARG A 278 -12.34 0.03 12.28
C ARG A 278 -11.41 0.76 11.33
N GLY A 279 -10.23 0.19 11.11
CA GLY A 279 -9.15 0.86 10.41
C GLY A 279 -9.55 1.20 9.01
N LYS A 280 -10.31 0.28 8.40
CA LYS A 280 -10.85 0.45 7.04
C LYS A 280 -11.83 1.62 6.98
N ILE A 281 -12.77 1.65 7.92
CA ILE A 281 -13.71 2.76 7.95
C ILE A 281 -12.97 4.02 8.31
N GLU A 282 -12.08 3.92 9.31
CA GLU A 282 -11.27 5.08 9.70
C GLU A 282 -10.34 5.63 8.59
N LYS A 283 -9.71 4.75 7.84
CA LYS A 283 -8.87 5.13 6.71
C LYS A 283 -9.71 5.74 5.60
N ALA A 284 -10.84 5.09 5.31
CA ALA A 284 -11.72 5.58 4.27
C ALA A 284 -12.14 7.01 4.57
N VAL A 285 -12.55 7.27 5.82
CA VAL A 285 -12.89 8.62 6.28
C VAL A 285 -11.77 9.63 6.04
N ASP A 286 -10.54 9.28 6.38
CA ASP A 286 -9.39 10.16 6.17
C ASP A 286 -9.13 10.49 4.71
N LEU A 287 -9.55 9.60 3.81
CA LEU A 287 -9.31 9.79 2.39
C LEU A 287 -10.28 10.78 1.76
N THR A 288 -11.40 11.06 2.42
CA THR A 288 -12.32 12.09 1.93
C THR A 288 -11.67 13.49 1.80
N SER A 289 -10.61 13.70 2.58
CA SER A 289 -9.82 14.92 2.45
C SER A 289 -9.05 14.92 1.11
N SER A 290 -8.48 13.77 0.71
CA SER A 290 -7.70 13.72 -0.54
C SER A 290 -8.48 13.35 -1.82
N HIS A 291 -9.46 12.44 -1.71
CA HIS A 291 -10.13 11.91 -2.90
C HIS A 291 -11.60 12.25 -2.92
N ASP A 292 -12.23 12.07 -4.08
CA ASP A 292 -13.65 12.39 -4.20
C ASP A 292 -14.53 11.18 -3.90
N PHE A 293 -13.97 9.99 -4.10
CA PHE A 293 -14.69 8.72 -4.03
C PHE A 293 -13.81 7.62 -3.43
N VAL A 294 -14.36 6.95 -2.42
CA VAL A 294 -13.69 5.84 -1.75
C VAL A 294 -14.61 4.64 -1.81
N LEU A 295 -14.15 3.57 -2.41
CA LEU A 295 -14.82 2.30 -2.28
C LEU A 295 -14.18 1.60 -1.10
N VAL A 296 -14.99 1.09 -0.19
CA VAL A 296 -14.55 0.23 0.90
C VAL A 296 -15.20 -1.15 0.76
N ASN A 297 -14.38 -2.20 0.75
CA ASN A 297 -14.94 -3.54 0.71
C ASN A 297 -14.67 -4.29 2.00
N ILE A 298 -15.71 -4.85 2.58
CA ILE A 298 -15.61 -5.51 3.88
C ILE A 298 -16.08 -6.95 3.78
N LYS A 299 -15.27 -7.88 4.32
CA LYS A 299 -15.60 -9.32 4.33
C LYS A 299 -16.23 -9.78 5.63
N ALA A 300 -17.46 -10.24 5.52
CA ALA A 300 -18.23 -10.82 6.63
C ALA A 300 -18.08 -12.35 6.60
N THR A 301 -16.90 -12.83 6.15
CA THR A 301 -16.63 -14.26 5.89
C THR A 301 -15.19 -14.69 6.24
N GLY A 308 -18.85 -21.10 8.86
CA GLY A 308 -19.33 -20.51 10.12
C GLY A 308 -20.87 -20.38 10.20
N ASN A 309 -21.41 -20.61 11.41
CA ASN A 309 -22.84 -20.59 11.66
C ASN A 309 -23.46 -19.18 11.82
N TYR A 310 -24.71 -19.17 12.27
CA TYR A 310 -25.54 -17.99 12.29
C TYR A 310 -25.28 -17.00 13.45
N PRO A 311 -25.15 -17.50 14.69
CA PRO A 311 -24.76 -16.57 15.74
C PRO A 311 -23.45 -15.85 15.41
N LEU A 312 -22.52 -16.55 14.79
CA LEU A 312 -21.24 -15.97 14.44
C LEU A 312 -21.42 -14.84 13.44
N LYS A 313 -22.15 -15.14 12.36
CA LYS A 313 -22.43 -14.16 11.31
C LYS A 313 -23.08 -12.91 11.88
N ARG A 314 -24.05 -13.11 12.78
CA ARG A 314 -24.66 -12.02 13.49
C ARG A 314 -23.59 -11.19 14.20
N ASP A 315 -22.72 -11.88 14.94
CA ASP A 315 -21.65 -11.25 15.73
C ASP A 315 -20.66 -10.42 14.89
N VAL A 316 -20.31 -10.88 13.68
CA VAL A 316 -19.42 -10.09 12.83
C VAL A 316 -20.14 -8.85 12.28
N ILE A 317 -21.44 -8.99 12.00
CA ILE A 317 -22.24 -7.82 11.61
C ILE A 317 -22.24 -6.78 12.75
N GLU A 318 -22.42 -7.25 13.98
CA GLU A 318 -22.36 -6.36 15.13
C GLU A 318 -20.98 -5.69 15.26
N ASP A 319 -19.90 -6.44 15.03
CA ASP A 319 -18.53 -5.92 14.99
C ASP A 319 -18.39 -4.86 13.89
N ILE A 320 -18.97 -5.13 12.73
CA ILE A 320 -18.97 -4.19 11.60
C ILE A 320 -19.77 -2.90 11.92
N ASP A 321 -20.94 -3.04 12.55
CA ASP A 321 -21.70 -1.88 12.98
C ASP A 321 -20.89 -1.01 13.91
N ARG A 322 -20.17 -1.62 14.84
CA ARG A 322 -19.43 -0.88 15.84
C ARG A 322 -18.44 0.01 15.12
N ALA A 323 -17.85 -0.53 14.06
CA ALA A 323 -16.76 0.11 13.32
C ALA A 323 -17.25 1.32 12.56
N MSE A 324 -18.56 1.45 12.48
CA MSE A 324 -19.18 2.32 11.55
C MSE A 324 -19.62 3.61 12.17
O MSE A 324 -20.25 4.44 11.51
CB MSE A 324 -20.36 1.61 10.98
CG MSE A 324 -20.36 1.75 9.56
SE MSE A 324 -21.06 0.22 8.72
CE MSE A 324 -19.60 0.03 7.45
N GLU A 325 -19.29 3.79 13.45
CA GLU A 325 -19.67 4.98 14.20
C GLU A 325 -19.27 6.35 13.59
N PRO A 326 -18.01 6.50 13.12
CA PRO A 326 -17.63 7.82 12.60
C PRO A 326 -18.54 8.29 11.51
N LEU A 327 -18.99 7.37 10.66
CA LEU A 327 -19.92 7.73 9.60
C LEU A 327 -21.15 8.55 10.02
N LYS A 328 -21.51 8.54 11.30
CA LYS A 328 -22.66 9.32 11.70
C LYS A 328 -22.31 10.79 11.65
N SER A 329 -21.03 11.11 11.72
CA SER A 329 -20.64 12.50 11.92
C SER A 329 -20.20 13.34 10.70
N ILE A 330 -20.09 12.73 9.51
CA ILE A 330 -19.42 13.39 8.37
C ILE A 330 -20.32 13.73 7.17
N GLY A 331 -21.63 13.59 7.38
CA GLY A 331 -22.63 13.87 6.36
C GLY A 331 -22.62 15.32 5.87
N ASP A 332 -22.05 16.20 6.69
CA ASP A 332 -21.88 17.60 6.28
C ASP A 332 -20.99 17.75 5.05
N HIS A 333 -19.99 16.88 4.92
CA HIS A 333 -19.05 16.94 3.80
C HIS A 333 -18.94 15.68 2.97
N ALA A 334 -19.89 14.76 3.16
CA ALA A 334 -19.79 13.45 2.55
C ALA A 334 -21.13 12.76 2.33
N VAL A 335 -21.18 11.96 1.28
CA VAL A 335 -22.28 11.00 1.07
C VAL A 335 -21.86 9.59 1.46
N ILE A 336 -22.61 8.95 2.36
CA ILE A 336 -22.33 7.56 2.71
C ILE A 336 -23.29 6.56 2.05
N CYS A 337 -22.74 5.50 1.47
CA CYS A 337 -23.54 4.40 0.96
C CYS A 337 -23.12 3.06 1.55
N VAL A 338 -24.08 2.31 2.08
CA VAL A 338 -23.80 0.94 2.52
C VAL A 338 -24.64 -0.05 1.71
N THR A 339 -23.98 -0.99 1.04
CA THR A 339 -24.74 -2.05 0.43
C THR A 339 -24.04 -3.39 0.59
N GLY A 340 -24.69 -4.46 0.12
CA GLY A 340 -24.11 -5.81 0.12
C GLY A 340 -23.86 -6.29 -1.29
N ASP A 341 -23.38 -7.52 -1.46
CA ASP A 341 -23.24 -8.09 -2.80
C ASP A 341 -23.41 -9.60 -2.81
N GLY A 353 -34.27 -15.57 -4.02
CA GLY A 353 -32.99 -14.92 -3.66
C GLY A 353 -32.28 -14.12 -4.77
N ASP A 354 -31.41 -13.18 -4.34
CA ASP A 354 -30.48 -12.34 -5.17
C ASP A 354 -30.36 -10.87 -4.66
N PRO A 355 -31.49 -10.16 -4.46
CA PRO A 355 -31.45 -8.72 -4.12
C PRO A 355 -30.96 -8.33 -2.69
N VAL A 356 -30.48 -7.11 -2.53
CA VAL A 356 -29.67 -6.75 -1.37
C VAL A 356 -30.08 -5.39 -0.76
N PRO A 357 -29.98 -5.23 0.55
CA PRO A 357 -30.37 -3.92 1.12
C PRO A 357 -29.37 -2.81 0.77
N ILE A 358 -29.84 -1.56 0.78
CA ILE A 358 -28.99 -0.41 0.46
C ILE A 358 -29.42 0.85 1.21
N VAL A 359 -28.46 1.63 1.69
CA VAL A 359 -28.75 2.94 2.28
C VAL A 359 -27.83 3.99 1.74
N PHE A 360 -28.42 5.16 1.51
CA PHE A 360 -27.69 6.37 1.17
C PHE A 360 -27.96 7.37 2.26
N TYR A 361 -26.91 7.87 2.88
CA TYR A 361 -27.12 8.94 3.83
C TYR A 361 -26.23 10.12 3.48
N THR A 362 -26.83 11.30 3.41
CA THR A 362 -26.02 12.49 3.51
C THR A 362 -26.77 13.53 4.29
N ASP A 363 -26.04 14.50 4.79
CA ASP A 363 -26.65 15.41 5.72
C ASP A 363 -27.93 16.15 5.28
N GLY A 364 -28.17 16.41 4.00
CA GLY A 364 -29.42 17.10 3.66
C GLY A 364 -30.66 16.26 3.45
N VAL A 365 -30.54 14.95 3.58
CA VAL A 365 -31.49 14.05 2.94
C VAL A 365 -32.82 13.85 3.71
N MSE A 366 -33.85 13.48 2.97
CA MSE A 366 -35.15 13.32 3.55
C MSE A 366 -35.42 11.83 3.65
O MSE A 366 -35.59 11.16 2.63
CB MSE A 366 -36.21 13.99 2.68
CG MSE A 366 -37.63 13.87 3.21
SE MSE A 366 -38.90 14.26 1.74
CE MSE A 366 -38.02 15.86 0.96
N ASN A 367 -35.44 11.35 4.88
CA ASN A 367 -35.70 9.97 5.15
C ASN A 367 -37.02 9.56 4.48
N ASP A 368 -37.11 8.32 4.02
CA ASP A 368 -38.27 7.88 3.27
C ASP A 368 -39.19 7.06 4.15
N GLY A 369 -38.91 7.08 5.44
CA GLY A 369 -39.75 6.39 6.39
C GLY A 369 -39.36 5.02 6.89
N VAL A 370 -38.27 4.43 6.39
CA VAL A 370 -37.78 3.18 7.02
C VAL A 370 -36.69 3.49 8.05
N HIS A 371 -36.68 2.72 9.13
CA HIS A 371 -35.85 3.04 10.30
C HIS A 371 -34.77 2.01 10.62
N LEU A 372 -34.80 0.88 9.90
CA LEU A 372 -33.88 -0.20 10.15
C LEU A 372 -33.16 -0.60 8.87
N PHE A 373 -31.92 -1.05 9.01
CA PHE A 373 -31.23 -1.60 7.87
C PHE A 373 -31.39 -3.11 7.93
N ASP A 374 -32.33 -3.67 7.16
CA ASP A 374 -32.36 -5.14 6.94
C ASP A 374 -33.09 -5.60 5.66
N GLU A 375 -32.83 -6.83 5.25
CA GLU A 375 -33.49 -7.43 4.09
C GLU A 375 -35.01 -7.28 4.02
N LEU A 376 -35.68 -7.01 5.15
CA LEU A 376 -37.12 -6.79 5.18
C LEU A 376 -37.53 -5.35 5.37
N SER A 377 -36.87 -4.63 6.27
CA SER A 377 -37.21 -3.25 6.52
C SER A 377 -36.96 -2.44 5.26
N SER A 378 -35.77 -2.67 4.68
CA SER A 378 -35.25 -1.87 3.60
C SER A 378 -36.05 -2.12 2.33
N ALA A 379 -36.84 -3.18 2.38
CA ALA A 379 -37.73 -3.49 1.27
C ALA A 379 -38.93 -2.55 1.23
N SER A 380 -39.16 -1.77 2.29
CA SER A 380 -40.16 -0.71 2.29
C SER A 380 -39.58 0.67 1.89
N GLY A 381 -38.28 0.73 1.63
CA GLY A 381 -37.64 1.92 1.09
C GLY A 381 -38.07 2.38 -0.31
N SER A 382 -37.87 3.66 -0.59
CA SER A 382 -38.28 4.25 -1.86
C SER A 382 -37.47 3.70 -3.04
N LEU A 383 -36.28 3.18 -2.77
CA LEU A 383 -35.40 2.80 -3.85
C LEU A 383 -35.58 1.37 -4.35
N ARG A 384 -35.80 1.26 -5.64
CA ARG A 384 -35.85 0.00 -6.34
C ARG A 384 -34.90 0.15 -7.48
N ILE A 385 -33.65 -0.21 -7.27
CA ILE A 385 -32.62 0.10 -8.24
C ILE A 385 -31.70 -1.09 -8.50
N THR A 386 -30.82 -0.96 -9.49
CA THR A 386 -29.80 -1.95 -9.73
C THR A 386 -28.42 -1.35 -9.40
N SER A 387 -27.41 -2.19 -9.34
CA SER A 387 -26.08 -1.71 -9.05
C SER A 387 -25.66 -0.66 -10.04
N TYR A 388 -26.25 -0.68 -11.22
CA TYR A 388 -25.91 0.30 -12.27
C TYR A 388 -26.37 1.73 -11.93
N ASN A 389 -27.35 1.85 -11.03
CA ASN A 389 -27.91 3.12 -10.67
C ASN A 389 -27.10 3.82 -9.61
N VAL A 390 -26.32 3.05 -8.87
CA VAL A 390 -25.70 3.55 -7.66
C VAL A 390 -24.85 4.81 -7.89
N MSE A 391 -23.92 4.78 -8.84
CA MSE A 391 -23.03 5.90 -9.08
C MSE A 391 -23.82 7.18 -9.41
O MSE A 391 -23.49 8.27 -8.92
CB MSE A 391 -22.03 5.56 -10.19
CG MSE A 391 -20.87 6.53 -10.37
SE MSE A 391 -19.72 6.81 -8.79
CE MSE A 391 -18.62 5.21 -8.83
N ASP A 392 -24.86 7.06 -10.24
CA ASP A 392 -25.70 8.21 -10.55
C ASP A 392 -26.30 8.85 -9.28
N ILE A 393 -26.91 8.01 -8.44
CA ILE A 393 -27.54 8.50 -7.23
C ILE A 393 -26.53 9.08 -6.26
N LEU A 394 -25.30 8.58 -6.34
CA LEU A 394 -24.22 9.08 -5.53
C LEU A 394 -23.70 10.41 -6.05
N MSE A 395 -23.71 10.62 -7.37
CA MSE A 395 -23.26 11.92 -7.92
C MSE A 395 -24.31 13.00 -7.65
O MSE A 395 -23.97 14.16 -7.37
CB MSE A 395 -22.90 11.83 -9.41
CG MSE A 395 -21.61 11.03 -9.68
SE MSE A 395 -21.15 10.60 -11.57
CE MSE A 395 -22.91 10.11 -12.31
N GLN A 396 -25.58 12.62 -7.73
CA GLN A 396 -26.68 13.49 -7.49
C GLN A 396 -26.60 14.04 -6.06
N LEU A 397 -26.87 13.25 -5.03
CA LEU A 397 -26.49 13.68 -3.66
C LEU A 397 -24.99 13.89 -3.74
N ALA A 398 -24.42 14.79 -2.96
CA ALA A 398 -23.00 15.20 -3.16
C ALA A 398 -22.86 16.53 -3.88
N GLY A 399 -23.74 16.77 -4.87
CA GLY A 399 -23.80 18.04 -5.60
C GLY A 399 -22.76 18.24 -6.70
N MSE B 4 18.90 4.37 -21.35
CA MSE B 4 18.63 4.97 -20.01
C MSE B 4 18.07 3.91 -19.03
O MSE B 4 16.89 3.58 -19.02
CB MSE B 4 17.69 6.19 -20.16
CG MSE B 4 17.72 7.20 -18.98
SE MSE B 4 16.23 6.98 -17.66
CE MSE B 4 14.64 7.35 -18.80
N LYS B 5 18.97 3.35 -18.21
CA LYS B 5 18.61 2.28 -17.28
C LYS B 5 17.89 2.78 -16.03
N SER B 6 17.26 1.87 -15.32
CA SER B 6 16.72 2.22 -14.02
C SER B 6 17.76 2.11 -12.90
N ILE B 7 17.40 2.60 -11.72
CA ILE B 7 18.32 2.69 -10.59
C ILE B 7 17.64 2.20 -9.34
N ILE B 8 18.22 1.18 -8.69
CA ILE B 8 17.82 0.75 -7.35
C ILE B 8 18.93 1.13 -6.36
N LEU B 9 18.59 1.87 -5.30
CA LEU B 9 19.58 2.18 -4.26
C LEU B 9 19.15 1.48 -3.00
N ILE B 10 19.99 0.60 -2.46
CA ILE B 10 19.66 -0.17 -1.25
C ILE B 10 20.47 0.29 -0.04
N VAL B 11 19.77 0.79 0.95
CA VAL B 11 20.38 1.24 2.18
C VAL B 11 20.20 0.13 3.18
N LEU B 12 21.31 -0.33 3.75
CA LEU B 12 21.26 -1.29 4.83
C LEU B 12 21.39 -0.56 6.16
N ASP B 13 20.29 -0.45 6.90
CA ASP B 13 20.19 0.35 8.13
C ASP B 13 20.92 -0.37 9.25
N GLY B 14 21.90 0.26 9.87
CA GLY B 14 22.72 -0.40 10.87
C GLY B 14 23.70 -1.40 10.25
N LEU B 15 24.43 -0.95 9.23
CA LEU B 15 25.63 -1.64 8.76
C LEU B 15 26.82 -1.26 9.63
N GLY B 16 28.00 -1.77 9.25
CA GLY B 16 29.29 -1.17 9.61
C GLY B 16 29.72 -1.12 11.06
N ASP B 17 29.34 -2.13 11.84
CA ASP B 17 29.69 -2.19 13.28
C ASP B 17 31.20 -2.08 13.58
N ARG B 18 31.52 -2.06 14.86
CA ARG B 18 32.89 -2.29 15.28
C ARG B 18 33.15 -3.81 15.18
N PRO B 19 34.42 -4.24 15.06
CA PRO B 19 34.58 -5.68 15.08
C PRO B 19 34.44 -6.28 16.51
N GLY B 20 34.32 -7.60 16.58
CA GLY B 20 34.12 -8.32 17.85
C GLY B 20 34.83 -9.66 17.87
N SER B 21 35.35 -10.01 19.05
CA SER B 21 36.04 -11.30 19.29
C SER B 21 35.17 -12.54 19.07
N ASP B 22 33.86 -12.43 19.34
CA ASP B 22 32.88 -13.48 19.00
C ASP B 22 32.92 -13.92 17.55
N LEU B 23 33.31 -13.01 16.65
CA LEU B 23 33.40 -13.32 15.22
C LEU B 23 34.84 -13.45 14.75
N GLN B 24 35.73 -13.56 15.74
CA GLN B 24 37.16 -13.77 15.50
C GLN B 24 37.76 -12.46 15.01
N ASN B 25 37.32 -11.39 15.68
CA ASN B 25 37.68 -10.02 15.39
C ASN B 25 37.28 -9.57 13.97
N ARG B 26 36.03 -9.90 13.59
CA ARG B 26 35.46 -9.43 12.34
C ARG B 26 34.16 -8.67 12.63
N THR B 27 33.73 -7.83 11.71
CA THR B 27 32.41 -7.26 11.85
C THR B 27 31.37 -8.31 11.46
N PRO B 28 30.12 -8.13 11.91
CA PRO B 28 29.06 -8.97 11.37
C PRO B 28 29.16 -9.10 9.84
N LEU B 29 29.21 -7.98 9.15
CA LEU B 29 29.30 -8.01 7.69
C LEU B 29 30.49 -8.87 7.20
N GLN B 30 31.71 -8.54 7.64
CA GLN B 30 32.94 -9.32 7.39
C GLN B 30 32.83 -10.82 7.63
N ALA B 31 32.03 -11.24 8.61
CA ALA B 31 31.94 -12.66 8.91
C ALA B 31 30.84 -13.33 8.12
N ALA B 32 29.91 -12.56 7.59
CA ALA B 32 28.78 -13.18 6.93
C ALA B 32 29.12 -13.79 5.59
N PHE B 33 28.55 -14.98 5.37
CA PHE B 33 28.47 -15.61 4.06
C PHE B 33 27.58 -14.70 3.17
N ARG B 34 28.17 -14.11 2.13
CA ARG B 34 27.62 -12.95 1.40
C ARG B 34 27.81 -13.11 -0.11
N PRO B 35 27.47 -14.28 -0.69
CA PRO B 35 27.91 -14.32 -2.09
C PRO B 35 27.26 -13.24 -3.00
N ASN B 36 26.02 -12.83 -2.76
CA ASN B 36 25.41 -11.86 -3.67
C ASN B 36 26.00 -10.45 -3.57
N LEU B 37 26.16 -9.97 -2.35
CA LEU B 37 26.85 -8.72 -2.14
C LEU B 37 28.27 -8.80 -2.69
N ASN B 38 28.89 -9.98 -2.64
CA ASN B 38 30.27 -10.14 -3.10
C ASN B 38 30.39 -10.09 -4.59
N TRP B 39 29.46 -10.75 -5.26
CA TRP B 39 29.31 -10.74 -6.69
C TRP B 39 29.16 -9.31 -7.15
N LEU B 40 28.28 -8.53 -6.50
CA LEU B 40 28.07 -7.09 -6.85
C LEU B 40 29.34 -6.29 -6.68
N ALA B 41 30.02 -6.48 -5.55
CA ALA B 41 31.31 -5.86 -5.31
C ALA B 41 32.24 -6.26 -6.43
N SER B 42 32.22 -7.55 -6.73
CA SER B 42 33.11 -8.16 -7.68
C SER B 42 32.94 -7.61 -9.09
N HIS B 43 31.71 -7.23 -9.46
CA HIS B 43 31.44 -6.75 -10.80
C HIS B 43 31.21 -5.26 -10.89
N GLY B 44 31.55 -4.54 -9.81
CA GLY B 44 31.14 -3.14 -9.64
C GLY B 44 32.27 -2.21 -9.26
N ILE B 45 31.93 -0.94 -8.99
CA ILE B 45 32.88 -0.02 -8.35
C ILE B 45 32.61 0.10 -6.86
N ASN B 46 33.67 0.24 -6.07
CA ASN B 46 33.61 0.06 -4.63
C ASN B 46 34.36 1.16 -3.90
N GLY B 47 33.96 1.46 -2.67
CA GLY B 47 34.74 2.42 -1.93
C GLY B 47 34.13 2.73 -0.57
N ILE B 48 34.38 3.93 -0.08
CA ILE B 48 33.92 4.25 1.26
C ILE B 48 33.11 5.53 1.18
N MSE B 49 31.95 5.54 1.83
CA MSE B 49 31.05 6.68 1.76
C MSE B 49 30.96 7.39 3.11
O MSE B 49 30.79 6.76 4.13
CB MSE B 49 29.68 6.17 1.30
CG MSE B 49 28.78 7.20 0.70
SE MSE B 49 27.33 7.62 1.92
CE MSE B 49 26.01 6.34 1.36
N HIS B 50 31.12 8.72 3.11
CA HIS B 50 31.04 9.49 4.35
C HIS B 50 29.74 10.30 4.39
N PRO B 51 28.82 9.94 5.31
CA PRO B 51 27.55 10.68 5.43
C PRO B 51 27.72 12.13 5.91
N ILE B 52 26.90 13.01 5.34
CA ILE B 52 26.81 14.47 5.67
C ILE B 52 26.82 15.26 4.36
N ASP B 61 21.54 12.73 11.95
CA ASP B 61 21.22 11.31 11.78
C ASP B 61 20.52 11.04 10.45
N THR B 62 20.56 9.79 10.02
CA THR B 62 19.95 9.32 8.76
C THR B 62 20.29 10.14 7.48
N SER B 63 21.07 9.51 6.62
CA SER B 63 21.60 10.10 5.39
C SER B 63 20.66 10.17 4.20
N HIS B 64 19.41 9.73 4.38
CA HIS B 64 18.45 9.55 3.25
C HIS B 64 18.18 10.81 2.41
N MSE B 65 17.84 11.90 3.05
CA MSE B 65 17.60 13.12 2.31
C MSE B 65 18.75 13.37 1.39
O MSE B 65 18.57 13.58 0.21
CB MSE B 65 17.40 14.31 3.25
CG MSE B 65 15.95 14.47 3.64
SE MSE B 65 15.60 16.18 4.52
CE MSE B 65 16.83 15.93 6.07
N SER B 66 19.94 13.34 1.95
CA SER B 66 21.13 13.61 1.18
C SER B 66 21.33 12.59 0.05
N LEU B 67 20.86 11.36 0.26
CA LEU B 67 21.01 10.32 -0.74
C LEU B 67 20.07 10.55 -1.90
N LEU B 68 18.87 11.03 -1.58
CA LEU B 68 17.84 11.34 -2.56
C LEU B 68 18.06 12.65 -3.30
N GLY B 69 19.12 13.36 -2.97
CA GLY B 69 19.51 14.56 -3.71
C GLY B 69 19.30 15.87 -2.97
N TYR B 70 18.83 15.79 -1.74
CA TYR B 70 18.44 16.98 -1.00
C TYR B 70 19.46 17.34 0.06
N ASP B 71 20.18 18.43 -0.16
CA ASP B 71 21.09 18.97 0.87
C ASP B 71 20.33 19.25 2.20
N PRO B 72 20.68 18.52 3.28
CA PRO B 72 19.84 18.64 4.49
C PRO B 72 20.01 19.98 5.20
N LYS B 73 21.20 20.58 5.03
CA LYS B 73 21.52 21.98 5.35
C LYS B 73 20.48 22.98 4.79
N VAL B 74 19.88 22.66 3.65
CA VAL B 74 18.92 23.56 2.99
C VAL B 74 17.49 23.08 3.16
N TYR B 75 17.26 21.79 3.00
CA TYR B 75 15.88 21.29 2.93
C TYR B 75 15.38 20.61 4.19
N TYR B 76 16.10 20.71 5.30
CA TYR B 76 15.58 20.15 6.56
C TYR B 76 14.31 20.89 6.97
N PRO B 77 13.21 20.13 7.21
CA PRO B 77 11.89 20.68 7.59
C PRO B 77 11.79 21.24 9.01
N GLY B 78 12.47 20.61 9.97
CA GLY B 78 12.43 21.04 11.36
C GLY B 78 11.93 19.93 12.27
N ARG B 79 12.20 20.09 13.58
CA ARG B 79 11.83 19.09 14.59
C ARG B 79 10.34 18.79 14.46
N GLY B 80 9.55 19.84 14.58
CA GLY B 80 8.11 19.78 14.41
C GLY B 80 7.66 18.82 13.33
N PRO B 81 8.01 19.10 12.07
CA PRO B 81 7.61 18.22 10.98
C PRO B 81 8.13 16.78 11.06
N PHE B 82 9.34 16.55 11.59
CA PHE B 82 9.86 15.16 11.65
C PHE B 82 9.05 14.23 12.59
N GLU B 83 8.62 14.76 13.73
CA GLU B 83 7.51 14.16 14.46
C GLU B 83 6.34 14.40 13.54
N ALA B 84 5.57 13.38 13.25
CA ALA B 84 4.49 13.54 12.29
C ALA B 84 4.83 12.71 11.09
N LEU B 85 5.98 13.01 10.49
CA LEU B 85 6.53 12.12 9.49
C LEU B 85 6.69 10.78 10.16
N GLY B 86 7.44 10.82 11.28
CA GLY B 86 7.61 9.67 12.17
C GLY B 86 6.31 8.98 12.53
N LEU B 87 5.23 9.73 12.61
CA LEU B 87 3.99 9.15 13.07
C LEU B 87 3.05 8.78 11.91
N GLY B 88 3.61 8.76 10.71
CA GLY B 88 2.85 8.46 9.50
C GLY B 88 1.81 9.50 9.13
N MSE B 89 2.14 10.77 9.36
CA MSE B 89 1.26 11.89 8.95
C MSE B 89 1.66 12.48 7.59
O MSE B 89 2.85 12.63 7.29
CB MSE B 89 1.25 13.01 10.01
CG MSE B 89 1.13 12.53 11.45
SE MSE B 89 0.80 13.95 12.74
CE MSE B 89 -1.03 14.35 12.21
N ASP B 90 0.66 12.79 6.77
CA ASP B 90 0.85 13.59 5.56
C ASP B 90 1.24 15.03 5.89
N ILE B 91 2.30 15.54 5.29
CA ILE B 91 2.59 16.99 5.31
C ILE B 91 3.07 17.52 3.96
N ARG B 92 2.76 18.79 3.69
CA ARG B 92 3.15 19.46 2.46
C ARG B 92 3.90 20.72 2.84
N PRO B 93 4.64 21.31 1.88
CA PRO B 93 5.24 22.59 2.27
C PRO B 93 4.22 23.69 2.57
N GLY B 94 4.56 24.60 3.48
CA GLY B 94 3.61 25.64 3.92
C GLY B 94 2.71 25.23 5.09
N ASP B 95 2.69 23.94 5.42
CA ASP B 95 1.98 23.45 6.59
C ASP B 95 2.79 23.85 7.84
N LEU B 96 2.15 23.79 9.01
CA LEU B 96 2.84 24.08 10.26
C LEU B 96 2.68 22.90 11.22
N ALA B 97 3.80 22.40 11.72
CA ALA B 97 3.82 21.18 12.51
C ALA B 97 4.51 21.38 13.85
N PHE B 98 3.94 20.75 14.89
CA PHE B 98 4.42 20.92 16.26
C PHE B 98 4.79 19.55 16.85
N ARG B 99 5.69 19.54 17.83
CA ARG B 99 5.74 18.41 18.79
C ARG B 99 4.67 18.67 19.83
N ALA B 100 3.97 17.61 20.24
CA ALA B 100 2.87 17.78 21.18
C ALA B 100 2.80 16.71 22.26
N ASN B 101 2.36 17.15 23.44
CA ASN B 101 2.11 16.30 24.59
C ASN B 101 0.63 16.35 25.01
N PHE B 102 -0.03 15.20 25.07
CA PHE B 102 -1.29 15.16 25.84
C PHE B 102 -0.90 15.38 27.29
N ALA B 103 -1.65 16.23 28.00
CA ALA B 103 -1.25 16.56 29.34
C ALA B 103 -2.43 16.79 30.27
N THR B 104 -2.13 16.79 31.57
CA THR B 104 -3.13 17.07 32.60
C THR B 104 -3.01 18.47 33.14
N ASN B 105 -4.13 19.18 32.94
CA ASN B 105 -4.34 20.53 33.36
C ASN B 105 -5.31 20.48 34.52
N ARG B 106 -4.83 20.65 35.75
CA ARG B 106 -5.74 20.65 36.92
C ARG B 106 -6.39 22.03 37.22
N ASP B 107 -5.67 22.99 37.79
CA ASP B 107 -6.35 24.29 38.06
C ASP B 107 -5.75 25.46 37.26
N GLY B 108 -6.06 25.45 35.96
CA GLY B 108 -5.26 26.18 34.99
C GLY B 108 -3.76 25.91 35.17
N VAL B 109 -3.44 24.73 35.69
CA VAL B 109 -2.03 24.38 35.97
C VAL B 109 -1.67 22.97 35.48
N ILE B 110 -0.66 22.90 34.63
CA ILE B 110 -0.11 21.60 34.22
C ILE B 110 0.49 20.90 35.46
N VAL B 111 -0.22 19.91 35.99
CA VAL B 111 0.27 19.14 37.12
C VAL B 111 1.07 17.94 36.66
N ASP B 112 0.95 17.59 35.36
CA ASP B 112 1.69 16.49 34.71
C ASP B 112 1.87 16.68 33.19
N ARG B 113 3.09 16.98 32.71
CA ARG B 113 3.22 17.30 31.25
C ARG B 113 3.00 16.09 30.37
N ARG B 114 2.83 14.93 30.96
CA ARG B 114 2.68 13.74 30.12
C ARG B 114 1.40 13.01 30.41
N ALA B 115 0.46 13.70 31.06
CA ALA B 115 -0.71 13.07 31.67
C ALA B 115 -0.38 11.62 32.07
N GLY B 116 0.74 11.45 32.81
CA GLY B 116 1.14 10.18 33.43
C GLY B 116 1.60 9.06 32.50
N ARG B 117 1.80 9.40 31.24
CA ARG B 117 2.17 8.43 30.19
C ARG B 117 1.09 7.39 29.90
N GLU B 118 -0.15 7.70 30.28
CA GLU B 118 -1.31 6.96 29.81
C GLU B 118 -1.34 7.01 28.29
N ASN B 119 -1.63 5.88 27.64
CA ASN B 119 -1.82 5.82 26.19
C ASN B 119 -3.22 5.38 25.76
N LYS B 120 -3.93 4.73 26.68
CA LYS B 120 -5.19 4.13 26.32
C LYS B 120 -6.18 5.19 25.82
N GLY B 121 -6.75 4.97 24.64
CA GLY B 121 -7.67 5.95 24.07
C GLY B 121 -7.06 7.24 23.54
N ASN B 122 -5.73 7.35 23.49
CA ASN B 122 -5.11 8.57 22.95
C ASN B 122 -5.38 8.80 21.47
N GLU B 123 -5.12 7.82 20.59
CA GLU B 123 -5.78 7.84 19.26
C GLU B 123 -7.25 7.75 19.60
N GLU B 124 -7.99 8.79 19.26
CA GLU B 124 -9.38 8.99 19.74
C GLU B 124 -9.45 10.39 20.33
N LEU B 125 -8.58 10.63 21.31
CA LEU B 125 -8.31 12.00 21.74
C LEU B 125 -7.72 12.77 20.54
N ALA B 126 -6.77 12.15 19.86
CA ALA B 126 -6.21 12.67 18.61
C ALA B 126 -7.29 12.90 17.53
N ASP B 127 -8.18 11.93 17.39
CA ASP B 127 -9.24 12.06 16.40
C ASP B 127 -10.24 13.14 16.74
N ALA B 128 -10.48 13.36 18.02
CA ALA B 128 -11.50 14.31 18.43
C ALA B 128 -11.02 15.75 18.33
N ILE B 129 -9.72 15.97 18.21
CA ILE B 129 -9.22 17.33 18.07
C ILE B 129 -8.62 17.53 16.68
N SER B 130 -8.90 16.56 15.83
CA SER B 130 -8.56 16.68 14.44
C SER B 130 -9.83 17.18 13.80
N LEU B 131 -9.73 18.36 13.18
CA LEU B 131 -10.89 19.16 12.82
C LEU B 131 -10.51 20.41 12.00
N ASP B 132 -11.53 21.09 11.47
CA ASP B 132 -11.35 22.30 10.66
C ASP B 132 -11.91 23.52 11.36
N MSE B 133 -11.27 24.66 11.17
CA MSE B 133 -11.82 25.96 11.53
C MSE B 133 -11.64 26.92 10.35
O MSE B 133 -10.50 27.26 9.99
CB MSE B 133 -11.15 26.54 12.77
CG MSE B 133 -11.68 26.03 14.10
SE MSE B 133 -10.45 26.50 15.60
CE MSE B 133 -9.78 28.23 14.94
N GLY B 134 -12.75 27.33 9.75
CA GLY B 134 -12.70 28.15 8.55
C GLY B 134 -11.67 27.58 7.61
N GLU B 135 -10.75 28.41 7.16
CA GLU B 135 -9.75 28.01 6.15
C GLU B 135 -8.62 27.06 6.68
N TYR B 136 -8.62 26.78 7.99
CA TYR B 136 -7.56 26.03 8.66
C TYR B 136 -7.97 24.60 9.08
N SER B 137 -7.16 23.63 8.69
CA SER B 137 -7.36 22.27 9.08
C SER B 137 -6.25 21.92 10.10
N PHE B 138 -6.58 21.06 11.07
CA PHE B 138 -5.70 20.70 12.23
C PHE B 138 -5.73 19.20 12.40
N ARG B 139 -4.56 18.59 12.41
CA ARG B 139 -4.45 17.12 12.43
C ARG B 139 -3.57 16.66 13.60
N VAL B 140 -4.15 15.88 14.50
CA VAL B 140 -3.35 15.35 15.60
C VAL B 140 -3.27 13.84 15.46
N LYS B 141 -2.05 13.32 15.61
CA LYS B 141 -1.79 11.89 15.59
C LYS B 141 -1.07 11.57 16.88
N SER B 142 -1.31 10.36 17.40
CA SER B 142 -0.83 9.93 18.71
C SER B 142 0.25 8.86 18.61
N GLY B 143 1.46 9.20 19.04
CA GLY B 143 2.54 8.24 19.14
C GLY B 143 2.50 7.35 20.38
N VAL B 144 3.69 7.06 20.92
CA VAL B 144 3.81 6.24 22.12
C VAL B 144 3.71 7.07 23.40
N GLU B 145 2.94 6.55 24.36
CA GLU B 145 2.60 7.23 25.60
C GLU B 145 1.84 8.54 25.36
N HIS B 146 2.39 9.64 25.87
CA HIS B 146 1.77 10.95 25.79
C HIS B 146 2.08 11.60 24.44
N ARG B 147 3.01 11.00 23.70
CA ARG B 147 3.58 11.61 22.49
C ARG B 147 2.56 11.87 21.40
N ALA B 148 2.72 13.01 20.75
CA ALA B 148 1.84 13.44 19.70
C ALA B 148 2.45 14.57 18.84
N ALA B 149 1.84 14.80 17.69
CA ALA B 149 2.22 15.90 16.84
C ALA B 149 1.01 16.53 16.20
N LEU B 150 1.16 17.80 15.87
CA LEU B 150 0.09 18.61 15.32
C LEU B 150 0.47 19.26 13.99
N VAL B 151 -0.27 18.95 12.93
CA VAL B 151 -0.09 19.61 11.64
C VAL B 151 -1.27 20.53 11.38
N VAL B 152 -0.97 21.81 11.23
CA VAL B 152 -1.95 22.81 10.79
C VAL B 152 -1.72 23.11 9.31
N SER B 153 -2.82 23.32 8.60
CA SER B 153 -2.83 23.57 7.16
C SER B 153 -3.62 24.81 6.87
N GLY B 154 -3.14 25.59 5.91
CA GLY B 154 -3.86 26.77 5.53
C GLY B 154 -2.96 27.91 5.13
N PRO B 155 -3.59 29.00 4.69
CA PRO B 155 -2.97 30.14 4.08
C PRO B 155 -2.05 30.91 5.00
N ASP B 156 -0.84 31.20 4.53
CA ASP B 156 0.07 32.13 5.20
C ASP B 156 0.41 31.83 6.69
N LEU B 157 0.63 30.56 7.00
CA LEU B 157 1.02 30.16 8.34
C LEU B 157 2.46 30.59 8.62
N SER B 158 2.77 30.84 9.90
CA SER B 158 4.11 31.29 10.31
C SER B 158 4.66 30.42 11.44
N ASP B 159 5.95 30.11 11.40
CA ASP B 159 6.56 29.47 12.56
C ASP B 159 7.24 30.48 13.49
N MSE B 160 6.85 31.76 13.36
CA MSE B 160 7.40 32.80 14.24
C MSE B 160 6.48 32.96 15.43
O MSE B 160 5.86 34.00 15.60
CB MSE B 160 7.59 34.13 13.50
CG MSE B 160 8.57 34.07 12.35
SE MSE B 160 10.37 33.60 12.96
CE MSE B 160 10.94 35.27 13.85
N ILE B 161 6.39 31.89 16.23
CA ILE B 161 5.48 31.81 17.38
C ILE B 161 6.11 30.97 18.51
N GLY B 162 5.63 31.17 19.72
CA GLY B 162 6.14 30.43 20.88
C GLY B 162 5.46 29.10 21.10
N ASP B 163 5.72 28.49 22.25
CA ASP B 163 5.13 27.23 22.59
C ASP B 163 3.91 27.47 23.50
N SER B 164 3.01 26.49 23.62
CA SER B 164 2.02 26.48 24.71
C SER B 164 2.61 25.74 25.92
N ASP B 165 3.45 24.76 25.62
CA ASP B 165 4.07 23.92 26.60
C ASP B 165 5.00 24.73 27.49
N PRO B 166 4.68 24.81 28.80
CA PRO B 166 5.46 25.67 29.72
C PRO B 166 6.76 25.05 30.14
N HIS B 167 7.04 23.85 29.62
CA HIS B 167 8.26 23.03 29.85
C HIS B 167 8.52 22.42 31.23
N ARG B 168 7.74 22.79 32.24
CA ARG B 168 7.82 22.11 33.52
C ARG B 168 6.45 22.14 34.19
N GLU B 169 6.21 21.22 35.12
CA GLU B 169 4.93 21.19 35.82
C GLU B 169 4.75 22.39 36.78
N GLY B 170 3.50 22.70 37.10
CA GLY B 170 3.20 23.72 38.08
C GLY B 170 3.18 25.10 37.49
N LEU B 171 3.10 25.16 36.16
CA LEU B 171 2.92 26.39 35.40
C LEU B 171 1.74 26.23 34.42
N PRO B 172 0.91 27.27 34.22
CA PRO B 172 -0.14 27.19 33.19
C PRO B 172 0.41 26.90 31.78
N PRO B 173 -0.48 26.49 30.85
CA PRO B 173 -0.06 26.47 29.45
C PRO B 173 0.00 27.90 28.89
N GLU B 174 1.09 28.18 28.18
CA GLU B 174 1.36 29.49 27.63
C GLU B 174 0.40 29.75 26.50
N LYS B 175 -0.20 30.94 26.50
CA LYS B 175 -0.82 31.48 25.31
C LYS B 175 0.28 31.62 24.23
N ILE B 176 -0.01 31.19 23.00
CA ILE B 176 0.91 31.34 21.89
C ILE B 176 1.19 32.81 21.63
N ARG B 177 2.46 33.19 21.61
CA ARG B 177 2.83 34.55 21.21
C ARG B 177 3.74 34.55 19.98
N PRO B 178 3.62 35.57 19.11
CA PRO B 178 4.43 35.68 17.89
C PRO B 178 5.78 36.37 18.13
N THR B 179 6.86 35.76 17.66
CA THR B 179 8.21 36.34 17.79
C THR B 179 8.55 37.42 16.74
N ASP B 180 7.49 37.96 16.10
CA ASP B 180 7.53 39.05 15.12
C ASP B 180 6.19 39.09 14.37
N PRO B 181 5.79 40.27 13.84
CA PRO B 181 4.40 40.43 13.41
C PRO B 181 3.97 39.51 12.26
N SER B 182 4.92 38.76 11.69
CA SER B 182 4.60 37.78 10.67
C SER B 182 3.73 36.63 11.21
N GLY B 183 3.80 36.36 12.51
CA GLY B 183 3.01 35.29 13.10
C GLY B 183 1.76 35.71 13.86
N ASP B 184 1.36 36.98 13.70
CA ASP B 184 0.18 37.50 14.38
C ASP B 184 -1.06 36.69 14.08
N ARG B 185 -1.41 36.57 12.81
CA ARG B 185 -2.55 35.75 12.43
C ARG B 185 -2.43 34.31 12.92
N THR B 186 -1.23 33.71 12.80
CA THR B 186 -1.01 32.33 13.25
C THR B 186 -1.24 32.13 14.77
N ALA B 187 -0.65 33.00 15.58
CA ALA B 187 -0.85 32.99 17.03
C ALA B 187 -2.34 33.03 17.40
N GLU B 188 -3.08 33.96 16.80
CA GLU B 188 -4.50 34.13 17.06
C GLU B 188 -5.23 32.84 16.72
N VAL B 189 -4.95 32.26 15.55
CA VAL B 189 -5.50 30.96 15.14
C VAL B 189 -5.19 29.86 16.17
N MSE B 190 -3.94 29.79 16.60
CA MSE B 190 -3.46 28.80 17.54
C MSE B 190 -4.16 28.84 18.87
O MSE B 190 -4.48 27.79 19.41
CB MSE B 190 -1.96 28.96 17.78
CG MSE B 190 -1.09 28.32 16.73
SE MSE B 190 -1.77 26.60 16.07
CE MSE B 190 -2.40 27.33 14.40
N ASN B 191 -4.37 30.04 19.43
CA ASN B 191 -5.03 30.19 20.74
C ASN B 191 -6.51 29.80 20.69
N ALA B 192 -7.17 30.09 19.57
CA ALA B 192 -8.54 29.65 19.41
C ALA B 192 -8.63 28.13 19.23
N TYR B 193 -7.76 27.55 18.40
CA TYR B 193 -7.70 26.12 18.26
C TYR B 193 -7.42 25.41 19.59
N LEU B 194 -6.45 25.95 20.33
CA LEU B 194 -6.06 25.36 21.59
C LEU B 194 -7.20 25.44 22.61
N GLU B 195 -7.95 26.55 22.57
CA GLU B 195 -9.17 26.73 23.36
C GLU B 195 -10.19 25.63 23.01
N GLU B 196 -10.47 25.44 21.73
CA GLU B 196 -11.37 24.38 21.36
C GLU B 196 -10.87 23.08 21.94
N ALA B 197 -9.62 22.75 21.63
CA ALA B 197 -9.11 21.41 21.92
C ALA B 197 -9.24 21.09 23.42
N ARG B 198 -8.87 22.04 24.24
CA ARG B 198 -8.89 21.87 25.66
C ARG B 198 -10.33 21.65 26.14
N ARG B 199 -11.30 22.22 25.42
CA ARG B 199 -12.69 22.03 25.77
C ARG B 199 -13.18 20.67 25.31
N ILE B 200 -12.81 20.25 24.10
CA ILE B 200 -13.23 18.95 23.61
C ILE B 200 -12.67 17.80 24.44
N LEU B 201 -11.36 17.85 24.73
CA LEU B 201 -10.68 16.80 25.51
C LEU B 201 -11.21 16.70 26.93
N SER B 202 -11.71 17.80 27.47
CA SER B 202 -12.22 17.83 28.84
C SER B 202 -13.54 17.05 29.00
N ASP B 203 -14.35 17.03 27.94
CA ASP B 203 -15.69 16.44 27.97
C ASP B 203 -15.72 15.08 27.26
N HIS B 204 -14.55 14.61 26.85
CA HIS B 204 -14.47 13.36 26.12
C HIS B 204 -14.71 12.15 27.05
N ARG B 205 -15.34 11.10 26.51
CA ARG B 205 -15.65 9.87 27.26
C ARG B 205 -14.39 9.27 27.88
N VAL B 206 -13.31 9.34 27.12
CA VAL B 206 -12.04 8.75 27.55
C VAL B 206 -11.54 9.42 28.81
N ASN B 207 -11.53 10.74 28.83
CA ASN B 207 -11.05 11.46 29.99
C ASN B 207 -11.99 11.38 31.18
N LYS B 208 -13.28 11.18 30.92
CA LYS B 208 -14.26 10.97 31.99
C LYS B 208 -14.06 9.63 32.65
N GLU B 209 -13.89 8.58 31.84
CA GLU B 209 -13.55 7.26 32.38
C GLU B 209 -12.21 7.27 33.09
N ARG B 210 -11.23 8.02 32.56
CA ARG B 210 -9.93 8.16 33.24
C ARG B 210 -10.07 8.73 34.65
N VAL B 211 -10.72 9.89 34.78
CA VAL B 211 -10.89 10.53 36.09
C VAL B 211 -11.81 9.68 36.98
N LYS B 212 -12.72 8.93 36.36
CA LYS B 212 -13.57 8.05 37.11
C LYS B 212 -12.76 6.86 37.64
N ASN B 213 -11.82 6.37 36.84
CA ASN B 213 -10.98 5.22 37.23
C ASN B 213 -9.67 5.59 37.97
N GLY B 214 -9.52 6.86 38.39
CA GLY B 214 -8.31 7.27 39.10
C GLY B 214 -7.07 7.52 38.25
N ARG B 215 -7.25 7.64 36.94
CA ARG B 215 -6.18 7.84 35.97
C ARG B 215 -6.05 9.32 35.60
N LEU B 216 -4.87 9.77 35.18
CA LEU B 216 -4.68 11.17 34.80
C LEU B 216 -5.25 11.44 33.41
N PRO B 217 -6.05 12.52 33.25
CA PRO B 217 -6.66 12.80 31.93
C PRO B 217 -5.78 13.66 31.01
N GLY B 218 -5.69 13.27 29.74
CA GLY B 218 -5.09 14.11 28.70
C GLY B 218 -6.10 15.16 28.28
N ASN B 219 -6.23 16.21 29.07
CA ASN B 219 -7.27 17.20 28.78
C ASN B 219 -6.69 18.52 28.20
N GLU B 220 -5.42 18.47 27.83
CA GLU B 220 -4.69 19.60 27.29
C GLU B 220 -3.77 19.04 26.24
N LEU B 221 -3.60 19.74 25.13
CA LEU B 221 -2.55 19.34 24.21
C LEU B 221 -1.46 20.42 24.28
N LEU B 222 -0.31 20.08 24.83
CA LEU B 222 0.75 21.08 24.93
C LEU B 222 1.57 21.00 23.67
N VAL B 223 1.81 22.17 23.12
CA VAL B 223 2.27 22.31 21.76
C VAL B 223 3.60 23.00 21.84
N ARG B 224 4.52 22.63 20.98
CA ARG B 224 5.85 23.24 20.98
C ARG B 224 6.61 22.96 19.69
N SER B 225 7.72 23.69 19.51
CA SER B 225 8.66 23.49 18.41
C SER B 225 7.95 23.67 17.07
N ALA B 226 7.42 24.87 16.86
CA ALA B 226 6.69 25.19 15.65
C ALA B 226 7.66 25.21 14.47
N GLY B 227 7.28 24.48 13.41
CA GLY B 227 8.04 24.44 12.19
C GLY B 227 7.15 24.58 10.97
N LYS B 228 7.43 25.59 10.15
CA LYS B 228 6.77 25.69 8.85
C LYS B 228 7.60 24.83 7.86
N VAL B 229 6.96 23.85 7.23
CA VAL B 229 7.65 23.03 6.24
C VAL B 229 7.92 23.86 4.98
N PRO B 230 9.22 24.04 4.65
CA PRO B 230 9.70 24.98 3.64
C PRO B 230 9.37 24.49 2.24
N ALA B 231 9.81 25.28 1.25
CA ALA B 231 9.77 24.87 -0.14
C ALA B 231 10.59 23.61 -0.31
N ILE B 232 9.94 22.49 -0.63
CA ILE B 232 10.71 21.29 -0.97
C ILE B 232 10.28 20.78 -2.33
N PRO B 233 11.16 20.91 -3.32
CA PRO B 233 10.81 20.43 -4.62
C PRO B 233 10.59 18.91 -4.56
N SER B 234 9.58 18.45 -5.32
CA SER B 234 9.33 17.03 -5.42
C SER B 234 10.54 16.31 -6.08
N PHE B 235 10.64 15.04 -5.77
CA PHE B 235 11.68 14.24 -6.31
C PHE B 235 11.87 14.53 -7.80
N THR B 236 10.77 14.50 -8.57
CA THR B 236 10.85 14.73 -10.02
C THR B 236 11.38 16.16 -10.31
N GLU B 237 10.87 17.15 -9.59
CA GLU B 237 11.45 18.50 -9.68
C GLU B 237 12.94 18.52 -9.36
N LYS B 238 13.36 17.72 -8.39
CA LYS B 238 14.72 17.81 -7.95
C LYS B 238 15.70 17.04 -8.82
N ASN B 239 15.28 15.91 -9.36
CA ASN B 239 16.21 14.96 -9.94
C ASN B 239 15.83 14.58 -11.34
N ARG B 240 14.67 15.09 -11.75
CA ARG B 240 14.22 14.92 -13.12
C ARG B 240 14.03 13.46 -13.46
N MSE B 241 13.41 12.75 -12.51
CA MSE B 241 13.21 11.31 -12.56
C MSE B 241 11.91 10.93 -11.90
O MSE B 241 11.42 11.66 -11.05
CB MSE B 241 14.34 10.58 -11.82
CG MSE B 241 15.59 10.34 -12.65
SE MSE B 241 17.01 9.47 -11.57
CE MSE B 241 17.11 10.61 -10.00
N LYS B 242 11.35 9.79 -12.28
CA LYS B 242 10.19 9.25 -11.59
C LYS B 242 10.69 8.33 -10.47
N GLY B 243 10.33 8.65 -9.24
CA GLY B 243 10.84 7.90 -8.08
C GLY B 243 9.84 7.00 -7.36
N ALA B 244 10.37 6.02 -6.66
CA ALA B 244 9.56 5.15 -5.81
C ALA B 244 10.39 4.78 -4.60
N CYS B 245 9.72 4.28 -3.55
CA CYS B 245 10.35 3.84 -2.30
C CYS B 245 9.74 2.51 -1.87
N VAL B 246 10.59 1.55 -1.56
CA VAL B 246 10.11 0.33 -0.95
C VAL B 246 10.61 0.47 0.46
N VAL B 247 9.80 1.13 1.27
CA VAL B 247 10.14 1.49 2.61
C VAL B 247 9.00 1.07 3.55
N GLY B 248 9.29 0.82 4.83
CA GLY B 248 8.24 0.39 5.75
C GLY B 248 8.15 1.29 6.97
N SER B 249 9.31 1.67 7.48
CA SER B 249 9.38 2.62 8.55
C SER B 249 8.49 3.82 8.22
N PRO B 250 7.70 4.33 9.20
CA PRO B 250 6.77 5.43 8.91
C PRO B 250 7.40 6.78 8.63
N TRP B 251 8.58 7.07 9.16
CA TRP B 251 9.19 8.36 8.82
C TRP B 251 9.68 8.45 7.34
N LEU B 252 10.50 7.51 6.87
CA LEU B 252 10.62 7.34 5.41
C LEU B 252 9.20 7.05 5.06
N LYS B 253 8.76 7.19 3.82
CA LYS B 253 7.33 6.89 3.62
C LYS B 253 6.58 8.18 3.88
N GLY B 254 6.87 8.82 5.02
CA GLY B 254 6.53 10.21 5.19
C GLY B 254 7.34 11.01 4.18
N LEU B 255 8.67 10.90 4.30
CA LEU B 255 9.59 11.61 3.44
C LEU B 255 9.21 11.35 2.01
N CYS B 256 9.04 10.08 1.68
CA CYS B 256 8.82 9.73 0.29
C CYS B 256 7.50 10.29 -0.22
N ARG B 257 6.51 10.40 0.65
CA ARG B 257 5.22 10.97 0.27
C ARG B 257 5.35 12.48 0.06
N LEU B 258 6.04 13.13 1.00
CA LEU B 258 6.43 14.56 0.88
C LEU B 258 7.17 14.95 -0.44
N LEU B 259 8.11 14.11 -0.89
CA LEU B 259 8.79 14.31 -2.16
C LEU B 259 7.98 13.72 -3.30
N ARG B 260 6.72 13.37 -3.01
CA ARG B 260 5.76 12.87 -4.02
C ARG B 260 6.27 11.69 -4.84
N MSE B 261 6.98 10.79 -4.16
CA MSE B 261 7.40 9.51 -4.76
C MSE B 261 6.39 8.43 -4.43
O MSE B 261 5.81 8.44 -3.35
CB MSE B 261 8.76 9.10 -4.19
CG MSE B 261 9.81 10.21 -4.28
SE MSE B 261 11.40 9.83 -3.20
CE MSE B 261 12.13 8.38 -4.30
N ASP B 262 6.17 7.51 -5.35
CA ASP B 262 5.32 6.34 -5.10
C ASP B 262 5.85 5.45 -3.96
N VAL B 263 5.05 5.30 -2.92
CA VAL B 263 5.45 4.51 -1.76
C VAL B 263 4.89 3.08 -1.82
N PHE B 264 5.74 2.08 -1.60
CA PHE B 264 5.28 0.70 -1.58
C PHE B 264 5.77 0.01 -0.30
N ASP B 265 4.86 -0.26 0.63
CA ASP B 265 5.19 -1.02 1.84
C ASP B 265 4.90 -2.52 1.67
N VAL B 266 5.94 -3.30 1.35
CA VAL B 266 5.81 -4.74 1.19
C VAL B 266 5.51 -5.37 2.54
N PRO B 267 4.51 -6.29 2.59
CA PRO B 267 4.02 -6.91 3.84
C PRO B 267 5.00 -7.84 4.56
N GLY B 268 4.90 -7.83 5.89
CA GLY B 268 5.60 -8.80 6.72
C GLY B 268 7.10 -8.60 6.78
N ALA B 269 7.50 -7.37 7.14
CA ALA B 269 8.91 -7.03 7.40
C ALA B 269 9.13 -6.53 8.84
N VAL B 273 15.70 -5.73 12.74
CA VAL B 273 14.86 -6.93 12.89
C VAL B 273 13.59 -6.94 11.98
N GLY B 274 13.79 -7.40 10.74
CA GLY B 274 12.70 -7.60 9.72
C GLY B 274 12.83 -8.98 9.08
N SER B 275 11.92 -9.36 8.17
CA SER B 275 11.99 -10.74 7.62
C SER B 275 11.66 -10.98 6.14
N ASN B 276 10.70 -10.23 5.58
CA ASN B 276 10.49 -10.40 4.15
C ASN B 276 11.33 -9.41 3.32
N TYR B 277 12.64 -9.51 3.50
CA TYR B 277 13.59 -8.83 2.67
C TYR B 277 13.43 -9.23 1.23
N ARG B 278 12.96 -10.45 1.00
CA ARG B 278 12.81 -10.94 -0.37
C ARG B 278 11.74 -10.21 -1.15
N GLY B 279 10.61 -9.90 -0.50
CA GLY B 279 9.47 -9.29 -1.19
C GLY B 279 9.77 -7.83 -1.55
N LYS B 280 10.73 -7.29 -0.83
CA LYS B 280 11.16 -5.94 -0.99
C LYS B 280 12.09 -5.82 -2.18
N ILE B 281 13.07 -6.69 -2.23
CA ILE B 281 14.04 -6.68 -3.33
C ILE B 281 13.32 -7.00 -4.62
N GLU B 282 12.43 -8.00 -4.55
CA GLU B 282 11.66 -8.46 -5.69
C GLU B 282 10.73 -7.37 -6.18
N LYS B 283 10.19 -6.63 -5.21
CA LYS B 283 9.32 -5.50 -5.49
C LYS B 283 10.13 -4.43 -6.19
N ALA B 284 11.27 -4.03 -5.61
CA ALA B 284 12.15 -3.07 -6.28
C ALA B 284 12.44 -3.53 -7.70
N VAL B 285 12.56 -4.84 -7.90
CA VAL B 285 12.89 -5.32 -9.24
C VAL B 285 11.76 -4.99 -10.19
N ASP B 286 10.53 -5.34 -9.82
CA ASP B 286 9.34 -5.00 -10.60
C ASP B 286 9.34 -3.53 -10.92
N LEU B 287 9.59 -2.70 -9.91
CA LEU B 287 9.51 -1.25 -10.05
C LEU B 287 10.42 -0.64 -11.16
N THR B 288 11.49 -1.34 -11.56
CA THR B 288 12.38 -0.81 -12.60
C THR B 288 11.76 -0.84 -14.00
N SER B 289 10.65 -1.56 -14.12
CA SER B 289 9.87 -1.57 -15.34
C SER B 289 8.98 -0.32 -15.38
N SER B 290 8.57 0.20 -14.22
CA SER B 290 7.78 1.46 -14.19
C SER B 290 8.52 2.76 -13.68
N HIS B 291 9.63 2.61 -12.96
CA HIS B 291 10.28 3.77 -12.34
C HIS B 291 11.75 3.99 -12.71
N ASP B 292 12.16 5.26 -12.81
CA ASP B 292 13.56 5.61 -13.04
C ASP B 292 14.49 5.32 -11.84
N PHE B 293 13.91 5.27 -10.65
CA PHE B 293 14.69 5.24 -9.42
C PHE B 293 13.93 4.62 -8.28
N VAL B 294 14.55 3.66 -7.60
CA VAL B 294 13.88 3.00 -6.46
C VAL B 294 14.76 3.01 -5.24
N LEU B 295 14.22 3.49 -4.13
CA LEU B 295 14.90 3.43 -2.86
C LEU B 295 14.41 2.24 -2.05
N VAL B 296 15.31 1.35 -1.67
CA VAL B 296 14.90 0.27 -0.79
C VAL B 296 15.61 0.41 0.54
N ASN B 297 14.85 0.58 1.61
CA ASN B 297 15.44 0.62 2.95
C ASN B 297 15.26 -0.73 3.70
N ILE B 298 16.35 -1.38 4.09
CA ILE B 298 16.31 -2.66 4.79
C ILE B 298 16.78 -2.43 6.23
N LYS B 299 16.08 -3.02 7.19
CA LYS B 299 16.39 -2.79 8.62
C LYS B 299 16.31 -4.05 9.50
N ASN B 309 24.46 -13.06 19.61
CA ASN B 309 24.16 -11.65 19.25
C ASN B 309 24.96 -10.96 18.14
N TYR B 310 26.28 -10.87 18.31
CA TYR B 310 27.14 -10.63 17.16
C TYR B 310 26.89 -11.73 16.12
N PRO B 311 26.77 -13.00 16.57
CA PRO B 311 26.40 -14.03 15.58
C PRO B 311 25.01 -13.85 15.01
N LEU B 312 24.13 -13.22 15.79
CA LEU B 312 22.78 -12.95 15.32
C LEU B 312 22.85 -11.91 14.22
N LYS B 313 23.49 -10.78 14.54
CA LYS B 313 23.73 -9.73 13.54
C LYS B 313 24.36 -10.26 12.24
N ARG B 314 25.32 -11.16 12.36
CA ARG B 314 25.81 -11.89 11.22
C ARG B 314 24.67 -12.59 10.45
N ASP B 315 23.83 -13.33 11.17
CA ASP B 315 22.80 -14.16 10.53
C ASP B 315 21.74 -13.32 9.83
N VAL B 316 21.41 -12.13 10.36
CA VAL B 316 20.49 -11.27 9.65
C VAL B 316 21.17 -10.82 8.37
N ILE B 317 22.45 -10.47 8.43
CA ILE B 317 23.13 -10.10 7.19
C ILE B 317 23.07 -11.22 6.16
N GLU B 318 23.30 -12.46 6.58
CA GLU B 318 23.26 -13.61 5.66
C GLU B 318 21.88 -13.83 5.12
N ASP B 319 20.87 -13.43 5.90
CA ASP B 319 19.49 -13.52 5.45
C ASP B 319 19.14 -12.45 4.40
N ILE B 320 19.69 -11.26 4.60
CA ILE B 320 19.58 -10.18 3.65
C ILE B 320 20.31 -10.53 2.36
N ASP B 321 21.46 -11.21 2.45
CA ASP B 321 22.20 -11.50 1.22
C ASP B 321 21.51 -12.52 0.34
N ARG B 322 20.82 -13.49 0.95
CA ARG B 322 20.07 -14.46 0.18
C ARG B 322 18.97 -13.79 -0.61
N ALA B 323 18.38 -12.77 0.02
CA ALA B 323 17.33 -11.94 -0.55
C ALA B 323 17.73 -11.16 -1.82
N MSE B 324 19.01 -10.80 -1.95
CA MSE B 324 19.49 -10.03 -3.10
C MSE B 324 19.84 -10.83 -4.36
O MSE B 324 20.25 -10.25 -5.37
CB MSE B 324 20.68 -9.23 -2.67
CG MSE B 324 20.38 -8.59 -1.39
SE MSE B 324 21.54 -7.18 -0.83
CE MSE B 324 20.12 -6.09 -0.12
N GLU B 325 19.66 -12.14 -4.31
CA GLU B 325 19.83 -12.94 -5.51
C GLU B 325 19.25 -12.28 -6.81
N PRO B 326 18.04 -11.70 -6.76
CA PRO B 326 17.47 -11.17 -8.01
C PRO B 326 18.35 -10.15 -8.75
N LEU B 327 19.05 -9.30 -8.01
CA LEU B 327 19.80 -8.18 -8.54
C LEU B 327 21.00 -8.55 -9.39
N LYS B 328 21.44 -9.80 -9.37
CA LYS B 328 22.53 -10.18 -10.29
C LYS B 328 22.11 -10.25 -11.77
N SER B 329 20.84 -10.53 -12.03
CA SER B 329 20.43 -10.70 -13.42
C SER B 329 19.86 -9.42 -14.12
N ILE B 330 20.00 -8.24 -13.51
CA ILE B 330 19.36 -7.06 -14.08
C ILE B 330 20.26 -5.88 -14.41
N GLY B 331 21.56 -6.04 -14.26
CA GLY B 331 22.50 -4.98 -14.59
C GLY B 331 22.36 -4.50 -16.03
N ASP B 332 21.58 -5.25 -16.80
CA ASP B 332 21.39 -4.95 -18.22
C ASP B 332 20.45 -3.77 -18.36
N HIS B 333 19.47 -3.68 -17.44
CA HIS B 333 18.54 -2.57 -17.51
C HIS B 333 18.48 -1.73 -16.22
N ALA B 334 19.42 -1.95 -15.30
CA ALA B 334 19.40 -1.23 -14.03
C ALA B 334 20.80 -1.01 -13.45
N VAL B 335 20.93 0.06 -12.68
CA VAL B 335 22.11 0.29 -11.86
C VAL B 335 21.73 -0.02 -10.44
N ILE B 336 22.57 -0.76 -9.74
CA ILE B 336 22.31 -1.15 -8.37
C ILE B 336 23.35 -0.50 -7.47
N CYS B 337 22.90 0.08 -6.38
CA CYS B 337 23.80 0.59 -5.39
C CYS B 337 23.42 -0.02 -4.04
N VAL B 338 24.39 -0.50 -3.27
CA VAL B 338 24.16 -0.96 -1.89
C VAL B 338 25.09 -0.19 -0.94
N THR B 339 24.51 0.39 0.10
CA THR B 339 25.30 1.09 1.08
C THR B 339 24.67 1.02 2.47
N GLY B 340 25.19 1.77 3.43
CA GLY B 340 24.68 1.69 4.80
C GLY B 340 24.55 2.99 5.54
N ASP B 341 24.22 2.88 6.84
CA ASP B 341 24.31 3.98 7.83
C ASP B 341 23.91 3.50 9.25
N GLY B 353 33.19 8.71 12.94
CA GLY B 353 33.28 7.26 13.09
C GLY B 353 32.08 6.64 12.43
N ASP B 354 31.74 7.20 11.26
CA ASP B 354 30.50 6.93 10.54
C ASP B 354 30.67 6.40 9.08
N PRO B 355 31.91 6.31 8.57
CA PRO B 355 32.05 5.84 7.18
C PRO B 355 31.54 4.45 6.95
N VAL B 356 31.08 4.23 5.73
CA VAL B 356 30.28 3.08 5.37
C VAL B 356 30.69 2.58 3.97
N PRO B 357 30.67 1.26 3.74
CA PRO B 357 31.05 0.73 2.41
C PRO B 357 29.96 0.96 1.37
N ILE B 358 30.36 0.96 0.10
CA ILE B 358 29.39 1.20 -0.95
C ILE B 358 29.83 0.48 -2.23
N VAL B 359 28.89 -0.06 -2.92
CA VAL B 359 29.13 -0.68 -4.17
C VAL B 359 28.12 -0.18 -5.17
N PHE B 360 28.58 0.07 -6.46
CA PHE B 360 27.70 0.37 -7.58
C PHE B 360 27.91 -0.69 -8.67
N TYR B 361 26.85 -1.34 -9.11
CA TYR B 361 26.97 -2.25 -10.24
C TYR B 361 26.00 -1.96 -11.38
N THR B 362 26.52 -1.92 -12.59
CA THR B 362 25.66 -2.10 -13.77
C THR B 362 26.40 -2.81 -14.88
N ASP B 363 25.67 -3.27 -15.87
CA ASP B 363 26.22 -4.28 -16.75
C ASP B 363 27.53 -3.93 -17.43
N GLY B 364 27.64 -2.77 -18.05
CA GLY B 364 28.89 -2.54 -18.75
C GLY B 364 29.96 -1.84 -17.93
N VAL B 365 29.80 -1.80 -16.60
CA VAL B 365 30.66 -0.93 -15.80
C VAL B 365 32.09 -1.48 -15.77
N MSE B 366 33.07 -0.59 -15.70
CA MSE B 366 34.45 -0.99 -15.55
C MSE B 366 34.83 -1.11 -14.06
O MSE B 366 35.04 -0.09 -13.38
CB MSE B 366 35.33 0.02 -16.27
CG MSE B 366 35.28 -0.09 -17.77
SE MSE B 366 36.38 1.27 -18.65
CE MSE B 366 37.40 2.08 -17.18
N ASN B 367 34.92 -2.34 -13.58
CA ASN B 367 35.13 -2.60 -12.16
C ASN B 367 36.56 -2.28 -11.69
N ASP B 368 36.75 -2.24 -10.37
CA ASP B 368 38.00 -1.78 -9.78
C ASP B 368 38.74 -2.86 -9.02
N GLY B 369 38.42 -4.13 -9.30
CA GLY B 369 39.20 -5.22 -8.71
C GLY B 369 39.04 -5.38 -7.21
N VAL B 370 37.83 -5.18 -6.69
CA VAL B 370 37.51 -5.51 -5.31
C VAL B 370 36.45 -6.63 -5.36
N HIS B 371 36.60 -7.65 -4.53
CA HIS B 371 35.78 -8.83 -4.71
C HIS B 371 34.96 -9.19 -3.46
N LEU B 372 35.09 -8.37 -2.44
CA LEU B 372 34.43 -8.61 -1.18
C LEU B 372 33.74 -7.32 -0.78
N PHE B 373 32.58 -7.45 -0.14
CA PHE B 373 31.84 -6.31 0.33
C PHE B 373 31.79 -6.27 1.88
N ASP B 374 32.66 -5.46 2.46
CA ASP B 374 32.70 -5.27 3.89
C ASP B 374 33.51 -3.99 4.18
N GLU B 375 33.55 -3.60 5.46
CA GLU B 375 34.15 -2.36 5.93
C GLU B 375 35.64 -2.23 5.61
N LEU B 376 36.34 -3.36 5.52
CA LEU B 376 37.74 -3.31 5.18
C LEU B 376 38.00 -3.47 3.70
N SER B 377 37.43 -4.52 3.10
CA SER B 377 37.67 -4.85 1.69
C SER B 377 37.37 -3.70 0.79
N SER B 378 36.34 -2.93 1.20
CA SER B 378 35.85 -1.83 0.42
C SER B 378 36.72 -0.60 0.49
N ALA B 379 37.69 -0.57 1.39
CA ALA B 379 38.68 0.49 1.38
C ALA B 379 39.68 0.30 0.26
N SER B 380 39.76 -0.90 -0.28
CA SER B 380 40.62 -1.12 -1.45
C SER B 380 39.99 -0.61 -2.76
N GLY B 381 38.73 -0.16 -2.67
CA GLY B 381 38.03 0.37 -3.83
C GLY B 381 38.49 1.74 -4.30
N SER B 382 38.11 2.07 -5.54
CA SER B 382 38.46 3.34 -6.16
C SER B 382 37.69 4.53 -5.60
N LEU B 383 36.60 4.30 -4.84
CA LEU B 383 35.74 5.41 -4.38
C LEU B 383 35.98 5.97 -2.97
N ARG B 384 36.01 7.29 -2.85
CA ARG B 384 35.88 7.97 -1.54
C ARG B 384 34.93 9.12 -1.74
N ILE B 385 33.70 8.96 -1.29
CA ILE B 385 32.64 9.88 -1.66
C ILE B 385 31.82 10.26 -0.44
N THR B 386 30.83 11.11 -0.67
CA THR B 386 30.00 11.63 0.37
C THR B 386 28.58 11.23 0.02
N SER B 387 27.66 11.31 0.97
CA SER B 387 26.27 11.01 0.70
C SER B 387 25.78 11.85 -0.47
N TYR B 388 26.32 13.06 -0.57
CA TYR B 388 26.02 14.00 -1.67
C TYR B 388 26.54 13.63 -3.06
N ASN B 389 27.38 12.61 -3.21
CA ASN B 389 27.90 12.26 -4.54
C ASN B 389 27.11 11.13 -5.20
N VAL B 390 26.25 10.52 -4.40
CA VAL B 390 25.63 9.25 -4.74
C VAL B 390 24.75 9.30 -5.97
N MSE B 391 23.82 10.24 -5.98
CA MSE B 391 22.85 10.42 -7.05
C MSE B 391 23.55 10.71 -8.39
O MSE B 391 23.16 10.19 -9.43
CB MSE B 391 21.87 11.54 -6.69
CG MSE B 391 20.78 11.77 -7.69
SE MSE B 391 19.70 10.15 -7.87
CE MSE B 391 18.84 10.18 -6.08
N ASP B 392 24.59 11.54 -8.33
CA ASP B 392 25.36 11.84 -9.52
C ASP B 392 26.03 10.61 -10.08
N ILE B 393 26.59 9.79 -9.20
CA ILE B 393 27.24 8.58 -9.65
C ILE B 393 26.19 7.70 -10.29
N LEU B 394 25.11 7.44 -9.58
CA LEU B 394 23.96 6.70 -10.13
C LEU B 394 23.49 7.16 -11.54
N MSE B 395 23.40 8.47 -11.75
CA MSE B 395 22.92 9.02 -13.01
C MSE B 395 23.90 8.86 -14.13
O MSE B 395 23.51 8.51 -15.25
CB MSE B 395 22.54 10.46 -12.84
CG MSE B 395 21.11 10.64 -12.33
SE MSE B 395 20.82 12.46 -11.70
CE MSE B 395 21.68 13.45 -13.20
N GLN B 396 25.16 9.12 -13.84
CA GLN B 396 26.29 8.81 -14.71
C GLN B 396 26.22 7.35 -15.19
N LEU B 397 26.00 6.42 -14.28
CA LEU B 397 26.04 5.02 -14.65
C LEU B 397 24.82 4.58 -15.45
N ALA B 398 23.71 5.30 -15.30
CA ALA B 398 22.42 4.93 -15.90
C ALA B 398 22.22 5.36 -17.37
N GLY B 399 23.09 6.23 -17.89
CA GLY B 399 22.90 6.83 -19.20
C GLY B 399 21.98 8.03 -19.10
#